data_8IY2
#
_entry.id   8IY2
#
_cell.length_a   103.427
_cell.length_b   103.427
_cell.length_c   101.487
_cell.angle_alpha   90.00
_cell.angle_beta   90.00
_cell.angle_gamma   120.00
#
_symmetry.space_group_name_H-M   'P 3 2 1'
#
loop_
_entity.id
_entity.type
_entity.pdbx_description
1 polymer p26
2 non-polymer 1,2-ETHANEDIOL
3 non-polymer '[(2R,3S,4R,5R)-5-(6-aminopurin-9-yl)-4-hydroxy-2-(hydroxymethyl)oxolan-3-yl] dihydrogen phosphate'
4 non-polymer "GUANOSINE-3'-MONOPHOSPHATE"
5 water water
#
_entity_poly.entity_id   1
_entity_poly.type   'polypeptide(L)'
_entity_poly.pdbx_seq_one_letter_code
;DNQHKKIKGYRDLSQEEIDMMNRVKELGSQFEKLIQDVSDHLRGQYNASLHNRDEITRIANAEPGRWLAIGKTDIQTGMM
AIIRAIAQPDSF
;
_entity_poly.pdbx_strand_id   A,B,C,D,E,F
#
loop_
_chem_comp.id
_chem_comp.type
_chem_comp.name
_chem_comp.formula
3AM non-polymer '[(2R,3S,4R,5R)-5-(6-aminopurin-9-yl)-4-hydroxy-2-(hydroxymethyl)oxolan-3-yl] dihydrogen phosphate' 'C10 H14 N5 O7 P'
3GP non-polymer GUANOSINE-3'-MONOPHOSPHATE 'C10 H14 N5 O8 P'
EDO non-polymer 1,2-ETHANEDIOL 'C2 H6 O2'
#
# COMPACT_ATOMS: atom_id res chain seq x y z
N ASP A 1 -20.97 4.01 72.63
CA ASP A 1 -20.23 3.04 73.41
C ASP A 1 -20.92 1.69 73.44
N ASN A 2 -20.14 0.62 73.31
CA ASN A 2 -20.72 -0.71 73.28
C ASN A 2 -21.75 -0.77 72.22
N GLN A 3 -21.38 -0.37 71.02
CA GLN A 3 -22.30 -0.34 69.91
C GLN A 3 -22.88 -1.67 69.62
N HIS A 4 -22.11 -2.72 69.77
CA HIS A 4 -22.57 -4.03 69.39
C HIS A 4 -23.79 -4.48 70.08
N LYS A 5 -23.94 -4.11 71.33
CA LYS A 5 -25.08 -4.48 72.10
C LYS A 5 -26.29 -3.72 71.65
N LYS A 6 -26.09 -2.68 70.87
CA LYS A 6 -27.21 -1.96 70.31
C LYS A 6 -27.64 -2.53 68.96
N ILE A 7 -26.85 -3.42 68.39
CA ILE A 7 -27.17 -4.03 67.10
C ILE A 7 -27.82 -5.38 67.27
N LYS A 8 -28.94 -5.59 66.58
CA LYS A 8 -29.70 -6.80 66.76
C LYS A 8 -28.83 -7.93 66.42
N GLY A 9 -28.87 -9.03 67.16
CA GLY A 9 -28.16 -10.24 66.82
C GLY A 9 -26.69 -10.34 67.08
N TYR A 10 -26.09 -9.25 67.45
CA TYR A 10 -24.69 -9.26 67.65
C TYR A 10 -24.50 -9.76 69.04
N ARG A 11 -23.47 -10.55 69.24
CA ARG A 11 -23.28 -11.16 70.52
C ARG A 11 -21.89 -10.92 71.00
N ASP A 12 -21.69 -11.08 72.29
CA ASP A 12 -20.38 -10.89 72.86
C ASP A 12 -19.44 -11.92 72.28
N LEU A 13 -18.23 -11.49 71.98
CA LEU A 13 -17.30 -12.37 71.31
C LEU A 13 -16.05 -12.62 72.09
N SER A 14 -15.53 -13.82 72.00
CA SER A 14 -14.30 -14.18 72.67
C SER A 14 -13.11 -13.61 71.95
N GLN A 15 -11.99 -13.53 72.64
CA GLN A 15 -10.79 -13.05 72.01
C GLN A 15 -10.42 -13.98 70.91
N GLU A 16 -10.63 -15.26 71.13
CA GLU A 16 -10.34 -16.23 70.12
C GLU A 16 -11.16 -15.98 68.89
N GLU A 17 -12.42 -15.64 69.04
CA GLU A 17 -13.24 -15.31 67.89
C GLU A 17 -12.78 -14.09 67.15
N ILE A 18 -12.43 -13.04 67.86
CA ILE A 18 -11.97 -11.82 67.27
C ILE A 18 -10.68 -12.05 66.54
N ASP A 19 -9.81 -12.87 67.09
CA ASP A 19 -8.52 -13.15 66.48
C ASP A 19 -8.70 -13.80 65.17
N MET A 20 -9.60 -14.75 65.10
CA MET A 20 -9.91 -15.41 63.86
C MET A 20 -10.53 -14.49 62.83
N MET A 21 -11.44 -13.63 63.24
CA MET A 21 -12.06 -12.69 62.34
C MET A 21 -11.03 -11.76 61.81
N ASN A 22 -10.14 -11.33 62.66
CA ASN A 22 -9.06 -10.48 62.25
C ASN A 22 -8.10 -11.14 61.32
N ARG A 23 -7.84 -12.42 61.49
CA ARG A 23 -6.99 -13.16 60.57
C ARG A 23 -7.57 -13.20 59.17
N VAL A 24 -8.86 -13.39 59.05
CA VAL A 24 -9.49 -13.40 57.75
C VAL A 24 -9.34 -12.06 57.09
N LYS A 25 -9.51 -11.01 57.87
CA LYS A 25 -9.36 -9.67 57.35
C LYS A 25 -7.94 -9.39 56.93
N GLU A 26 -6.97 -9.87 57.69
CA GLU A 26 -5.57 -9.72 57.31
C GLU A 26 -5.20 -10.47 56.03
N LEU A 27 -5.70 -11.68 55.85
CA LEU A 27 -5.46 -12.43 54.63
C LEU A 27 -6.09 -11.72 53.46
N GLY A 28 -7.23 -11.11 53.68
CA GLY A 28 -7.89 -10.35 52.67
C GLY A 28 -7.09 -9.18 52.23
N SER A 29 -6.38 -8.56 53.16
CA SER A 29 -5.54 -7.44 52.82
C SER A 29 -4.47 -7.89 51.85
N GLN A 30 -4.00 -9.11 51.98
CA GLN A 30 -3.00 -9.62 51.07
C GLN A 30 -3.59 -9.83 49.72
N PHE A 31 -4.85 -10.21 49.64
CA PHE A 31 -5.54 -10.31 48.37
C PHE A 31 -5.72 -8.97 47.71
N GLU A 32 -6.02 -7.97 48.50
CA GLU A 32 -6.14 -6.64 47.98
C GLU A 32 -4.88 -6.18 47.28
N LYS A 33 -3.73 -6.47 47.86
CA LYS A 33 -2.48 -6.11 47.23
C LYS A 33 -2.32 -6.83 45.92
N LEU A 34 -2.67 -8.10 45.88
CA LEU A 34 -2.60 -8.83 44.62
C LEU A 34 -3.53 -8.26 43.59
N ILE A 35 -4.72 -7.89 43.99
CA ILE A 35 -5.68 -7.34 43.07
C ILE A 35 -5.14 -6.05 42.51
N GLN A 36 -4.53 -5.23 43.34
CA GLN A 36 -3.92 -4.00 42.86
C GLN A 36 -2.80 -4.27 41.90
N ASP A 37 -2.00 -5.28 42.17
CA ASP A 37 -0.93 -5.66 41.27
C ASP A 37 -1.42 -6.12 39.93
N VAL A 38 -2.50 -6.88 39.88
CA VAL A 38 -3.07 -7.31 38.62
C VAL A 38 -3.57 -6.10 37.85
N SER A 39 -4.19 -5.17 38.54
CA SER A 39 -4.68 -3.96 37.91
C SER A 39 -3.55 -3.18 37.31
N ASP A 40 -2.44 -3.13 38.01
CA ASP A 40 -1.28 -2.45 37.50
C ASP A 40 -0.76 -3.11 36.24
N HIS A 41 -0.76 -4.43 36.21
CA HIS A 41 -0.32 -5.15 35.05
C HIS A 41 -1.19 -4.87 33.90
N LEU A 42 -2.49 -4.85 34.11
CA LEU A 42 -3.43 -4.60 33.05
C LEU A 42 -3.29 -3.23 32.47
N ARG A 43 -3.05 -2.24 33.31
CA ARG A 43 -2.84 -0.88 32.86
C ARG A 43 -1.61 -0.77 32.01
N GLY A 44 -0.54 -1.43 32.42
CA GLY A 44 0.67 -1.45 31.64
C GLY A 44 0.49 -2.16 30.34
N GLN A 45 -0.26 -3.24 30.35
CA GLN A 45 -0.52 -3.98 29.17
C GLN A 45 -1.24 -3.15 28.17
N TYR A 46 -2.23 -2.39 28.62
CA TYR A 46 -2.95 -1.51 27.72
C TYR A 46 -2.05 -0.43 27.14
N ASN A 47 -1.20 0.16 27.95
CA ASN A 47 -0.29 1.19 27.50
C ASN A 47 0.68 0.69 26.50
N ALA A 48 1.22 -0.48 26.76
CA ALA A 48 2.22 -0.99 25.89
C ALA A 48 1.58 -1.42 24.64
N SER A 49 0.30 -1.65 24.70
CA SER A 49 -0.38 -2.19 23.55
C SER A 49 -1.06 -1.13 22.78
N LEU A 50 -0.85 0.10 23.18
CA LEU A 50 -1.42 1.18 22.44
C LEU A 50 -0.81 1.14 21.06
N HIS A 51 -1.61 1.43 20.02
CA HIS A 51 -1.18 1.37 18.63
C HIS A 51 -1.19 0.00 18.06
N ASN A 52 -1.69 -0.98 18.80
CA ASN A 52 -1.85 -2.29 18.22
C ASN A 52 -3.30 -2.47 18.41
N ARG A 53 -4.06 -2.19 17.39
CA ARG A 53 -5.50 -2.26 17.48
C ARG A 53 -5.87 -3.68 17.76
N ASP A 54 -5.16 -4.60 17.14
CA ASP A 54 -5.48 -5.99 17.30
C ASP A 54 -5.34 -6.45 18.72
N GLU A 55 -4.30 -6.02 19.40
CA GLU A 55 -4.18 -6.36 20.81
C GLU A 55 -5.19 -5.61 21.69
N ILE A 56 -5.46 -4.35 21.39
CA ILE A 56 -6.41 -3.59 22.16
C ILE A 56 -7.77 -4.24 22.05
N THR A 57 -8.13 -4.70 20.86
CA THR A 57 -9.39 -5.39 20.67
C THR A 57 -9.41 -6.67 21.48
N ARG A 58 -8.29 -7.36 21.54
CA ARG A 58 -8.20 -8.57 22.35
C ARG A 58 -8.40 -8.32 23.82
N ILE A 59 -7.80 -7.28 24.35
CA ILE A 59 -8.00 -6.92 25.74
C ILE A 59 -9.44 -6.57 25.99
N ALA A 60 -10.03 -5.81 25.09
CA ALA A 60 -11.42 -5.42 25.27
C ALA A 60 -12.37 -6.58 25.23
N ASN A 61 -12.16 -7.53 24.33
CA ASN A 61 -12.97 -8.71 24.29
C ASN A 61 -12.81 -9.56 25.52
N ALA A 62 -11.60 -9.62 26.05
CA ALA A 62 -11.31 -10.39 27.25
C ALA A 62 -11.97 -9.84 28.47
N GLU A 63 -12.17 -8.54 28.52
CA GLU A 63 -12.74 -7.88 29.68
C GLU A 63 -12.01 -8.10 31.00
N PRO A 64 -10.69 -7.92 31.02
CA PRO A 64 -9.99 -8.25 32.25
C PRO A 64 -10.39 -7.51 33.51
N GLY A 65 -10.66 -6.23 33.42
CA GLY A 65 -11.09 -5.44 34.55
C GLY A 65 -12.41 -5.84 35.14
N ARG A 66 -13.35 -6.24 34.33
CA ARG A 66 -14.60 -6.75 34.83
C ARG A 66 -14.35 -7.99 35.62
N TRP A 67 -13.51 -8.86 35.11
CA TRP A 67 -13.19 -10.05 35.81
C TRP A 67 -12.47 -9.84 37.10
N LEU A 68 -11.56 -8.87 37.16
CA LEU A 68 -10.89 -8.54 38.40
C LEU A 68 -11.89 -8.01 39.40
N ALA A 69 -12.83 -7.23 38.92
CA ALA A 69 -13.89 -6.72 39.77
C ALA A 69 -14.78 -7.79 40.34
N ILE A 70 -15.15 -8.76 39.51
CA ILE A 70 -15.97 -9.86 39.94
C ILE A 70 -15.22 -10.62 41.02
N GLY A 71 -13.93 -10.83 40.84
CA GLY A 71 -13.12 -11.49 41.84
C GLY A 71 -12.96 -10.80 43.16
N LYS A 72 -12.81 -9.49 43.16
CA LYS A 72 -12.68 -8.75 44.38
C LYS A 72 -13.93 -8.89 45.17
N THR A 73 -15.06 -8.79 44.51
CA THR A 73 -16.34 -8.87 45.18
C THR A 73 -16.49 -10.21 45.81
N ASP A 74 -16.12 -11.25 45.08
CA ASP A 74 -16.22 -12.59 45.58
C ASP A 74 -15.32 -12.87 46.76
N ILE A 75 -14.11 -12.37 46.72
CA ILE A 75 -13.20 -12.56 47.83
C ILE A 75 -13.74 -11.86 49.05
N GLN A 76 -14.21 -10.66 48.86
CA GLN A 76 -14.76 -9.91 49.95
C GLN A 76 -16.03 -10.46 50.53
N THR A 77 -16.95 -10.90 49.70
CA THR A 77 -18.20 -11.48 50.17
C THR A 77 -17.93 -12.75 50.89
N GLY A 78 -16.98 -13.52 50.41
CA GLY A 78 -16.59 -14.73 51.07
C GLY A 78 -15.99 -14.51 52.41
N MET A 79 -15.20 -13.47 52.54
CA MET A 79 -14.58 -13.15 53.81
C MET A 79 -15.66 -12.89 54.80
N MET A 80 -16.68 -12.18 54.39
CA MET A 80 -17.79 -11.86 55.26
C MET A 80 -18.49 -13.10 55.73
N ALA A 81 -18.64 -14.09 54.87
CA ALA A 81 -19.24 -15.35 55.25
C ALA A 81 -18.44 -16.15 56.25
N ILE A 82 -17.13 -16.20 56.11
CA ILE A 82 -16.29 -16.87 57.08
C ILE A 82 -16.38 -16.14 58.40
N ILE A 83 -16.40 -14.82 58.36
CA ILE A 83 -16.52 -14.02 59.56
C ILE A 83 -17.86 -14.27 60.20
N ARG A 84 -18.91 -14.40 59.43
CA ARG A 84 -20.22 -14.71 59.97
C ARG A 84 -20.23 -16.05 60.63
N ALA A 85 -19.54 -17.01 60.06
CA ALA A 85 -19.42 -18.31 60.69
C ALA A 85 -18.71 -18.23 62.00
N ILE A 86 -17.68 -17.43 62.12
CA ILE A 86 -17.02 -17.23 63.39
C ILE A 86 -17.87 -16.46 64.39
N ALA A 87 -18.46 -15.37 63.95
CA ALA A 87 -19.28 -14.52 64.81
C ALA A 87 -20.57 -15.11 65.25
N GLN A 88 -21.17 -15.92 64.41
CA GLN A 88 -22.41 -16.57 64.76
C GLN A 88 -23.53 -15.68 65.28
N PRO A 89 -24.04 -14.73 64.42
CA PRO A 89 -25.06 -13.87 65.00
C PRO A 89 -26.39 -14.50 65.25
N ASP A 90 -27.21 -13.84 66.04
CA ASP A 90 -28.50 -14.40 66.43
C ASP A 90 -29.63 -13.93 65.59
N SER A 91 -29.32 -13.27 64.51
CA SER A 91 -30.33 -12.81 63.64
C SER A 91 -30.26 -13.45 62.30
N PHE A 92 -31.36 -13.52 61.58
CA PHE A 92 -31.41 -14.05 60.24
C PHE A 92 -30.46 -13.34 59.25
N ASN B 2 -24.08 15.09 -8.41
CA ASN B 2 -23.17 16.04 -7.77
C ASN B 2 -23.83 16.53 -6.51
N GLN B 3 -23.03 16.79 -5.48
CA GLN B 3 -23.64 17.16 -4.22
C GLN B 3 -23.51 18.62 -3.87
N HIS B 4 -22.49 19.29 -4.37
CA HIS B 4 -22.26 20.65 -3.96
C HIS B 4 -23.37 21.59 -4.33
N LYS B 5 -23.95 21.40 -5.49
CA LYS B 5 -25.04 22.25 -5.94
C LYS B 5 -26.22 22.17 -5.02
N LYS B 6 -26.49 20.98 -4.53
CA LYS B 6 -27.60 20.80 -3.65
C LYS B 6 -27.45 21.55 -2.35
N ILE B 7 -26.24 21.61 -1.82
CA ILE B 7 -25.98 22.37 -0.61
C ILE B 7 -26.02 23.87 -0.88
N LYS B 8 -26.67 24.61 0.00
CA LYS B 8 -26.81 26.03 -0.19
C LYS B 8 -25.58 26.86 0.03
N GLY B 9 -25.24 27.67 -0.96
CA GLY B 9 -24.11 28.56 -0.84
C GLY B 9 -22.80 28.01 -1.29
N TYR B 10 -22.77 26.71 -1.48
CA TYR B 10 -21.54 26.10 -1.88
C TYR B 10 -21.36 26.51 -3.30
N ARG B 11 -20.14 26.82 -3.67
CA ARG B 11 -19.92 27.32 -4.99
C ARG B 11 -18.86 26.55 -5.65
N ASP B 12 -18.82 26.64 -6.98
CA ASP B 12 -17.79 25.95 -7.72
C ASP B 12 -16.48 26.52 -7.32
N LEU B 13 -15.53 25.65 -7.08
CA LEU B 13 -14.26 26.09 -6.57
C LEU B 13 -13.14 25.81 -7.53
N SER B 14 -12.18 26.71 -7.57
CA SER B 14 -11.04 26.49 -8.40
C SER B 14 -10.17 25.43 -7.80
N GLN B 15 -9.33 24.81 -8.60
CA GLN B 15 -8.43 23.79 -8.11
C GLN B 15 -7.49 24.39 -7.11
N GLU B 16 -7.05 25.60 -7.35
CA GLU B 16 -6.20 26.24 -6.37
C GLU B 16 -6.92 26.41 -5.06
N GLU B 17 -8.18 26.77 -5.10
CA GLU B 17 -8.91 26.87 -3.88
C GLU B 17 -9.01 25.54 -3.20
N ILE B 18 -9.27 24.49 -3.95
CA ILE B 18 -9.36 23.18 -3.39
C ILE B 18 -8.03 22.78 -2.81
N ASP B 19 -6.94 23.13 -3.49
CA ASP B 19 -5.63 22.78 -3.01
C ASP B 19 -5.30 23.42 -1.71
N MET B 20 -5.67 24.68 -1.56
CA MET B 20 -5.41 25.38 -0.33
C MET B 20 -6.17 24.78 0.82
N MET B 21 -7.40 24.38 0.58
CA MET B 21 -8.21 23.80 1.62
C MET B 21 -7.56 22.52 2.04
N ASN B 22 -7.06 21.79 1.07
CA ASN B 22 -6.39 20.54 1.36
C ASN B 22 -5.12 20.75 2.16
N ARG B 23 -4.40 21.83 1.91
CA ARG B 23 -3.18 22.11 2.63
C ARG B 23 -3.46 22.27 4.10
N VAL B 24 -4.54 22.95 4.43
CA VAL B 24 -4.93 23.12 5.83
C VAL B 24 -5.27 21.78 6.44
N LYS B 25 -5.98 20.96 5.70
CA LYS B 25 -6.37 19.67 6.20
C LYS B 25 -5.16 18.81 6.46
N GLU B 26 -4.20 18.84 5.58
CA GLU B 26 -2.97 18.11 5.78
C GLU B 26 -2.18 18.61 6.95
N LEU B 27 -2.13 19.91 7.14
CA LEU B 27 -1.45 20.48 8.30
C LEU B 27 -2.15 20.06 9.57
N GLY B 28 -3.46 19.99 9.54
CA GLY B 28 -4.20 19.54 10.68
C GLY B 28 -3.92 18.12 11.02
N SER B 29 -3.72 17.29 10.02
CA SER B 29 -3.42 15.91 10.25
C SER B 29 -2.11 15.81 11.01
N GLN B 30 -1.19 16.71 10.76
CA GLN B 30 0.06 16.71 11.49
C GLN B 30 -0.16 17.10 12.93
N PHE B 31 -1.09 18.01 13.18
CA PHE B 31 -1.43 18.37 14.54
C PHE B 31 -2.07 17.19 15.24
N GLU B 32 -2.91 16.45 14.54
CA GLU B 32 -3.55 15.30 15.11
C GLU B 32 -2.53 14.37 15.71
N LYS B 33 -1.44 14.15 15.02
CA LYS B 33 -0.40 13.28 15.52
C LYS B 33 0.24 13.80 16.77
N LEU B 34 0.49 15.10 16.82
CA LEU B 34 1.13 15.69 17.98
C LEU B 34 0.22 15.51 19.15
N ILE B 35 -1.06 15.73 18.94
CA ILE B 35 -2.03 15.58 19.99
C ILE B 35 -2.06 14.15 20.48
N GLN B 36 -1.98 13.20 19.56
CA GLN B 36 -1.97 11.80 19.94
C GLN B 36 -0.77 11.48 20.76
N ASP B 37 0.38 11.99 20.39
CA ASP B 37 1.58 11.80 21.17
C ASP B 37 1.52 12.43 22.54
N VAL B 38 0.94 13.61 22.65
CA VAL B 38 0.76 14.25 23.94
C VAL B 38 -0.18 13.42 24.78
N SER B 39 -1.21 12.88 24.16
CA SER B 39 -2.13 12.02 24.88
C SER B 39 -1.39 10.84 25.38
N ASP B 40 -0.56 10.27 24.53
CA ASP B 40 0.22 9.13 24.92
C ASP B 40 1.13 9.47 26.08
N HIS B 41 1.70 10.66 26.06
CA HIS B 41 2.57 11.07 27.12
C HIS B 41 1.85 11.14 28.39
N LEU B 42 0.68 11.71 28.36
CA LEU B 42 -0.10 11.87 29.56
C LEU B 42 -0.50 10.53 30.16
N ARG B 43 -0.84 9.57 29.33
CA ARG B 43 -1.17 8.24 29.81
C ARG B 43 0.01 7.60 30.46
N GLY B 44 1.16 7.74 29.86
CA GLY B 44 2.36 7.20 30.45
C GLY B 44 2.69 7.85 31.75
N GLN B 45 2.49 9.15 31.86
CA GLN B 45 2.79 9.88 33.06
C GLN B 45 1.92 9.40 34.19
N TYR B 46 0.64 9.22 33.92
CA TYR B 46 -0.28 8.76 34.94
C TYR B 46 0.05 7.39 35.45
N ASN B 47 0.37 6.49 34.54
CA ASN B 47 0.67 5.13 34.91
C ASN B 47 1.90 5.11 35.76
N ALA B 48 2.88 5.92 35.42
CA ALA B 48 4.11 5.99 36.18
C ALA B 48 3.93 6.52 37.55
N SER B 49 3.03 7.46 37.71
CA SER B 49 2.86 8.11 38.99
C SER B 49 1.78 7.52 39.83
N LEU B 50 1.27 6.35 39.46
CA LEU B 50 0.13 5.77 40.17
C LEU B 50 0.42 5.57 41.62
N HIS B 51 1.64 5.18 41.94
CA HIS B 51 2.02 5.06 43.33
C HIS B 51 2.01 6.38 44.10
N ASN B 52 2.42 7.48 43.49
CA ASN B 52 2.55 8.73 44.21
C ASN B 52 1.26 9.48 44.28
N ARG B 53 0.73 9.59 45.48
CA ARG B 53 -0.50 10.32 45.69
C ARG B 53 -0.30 11.77 45.35
N ASP B 54 0.85 12.30 45.74
CA ASP B 54 1.09 13.70 45.52
C ASP B 54 1.13 14.05 44.05
N GLU B 55 1.67 13.17 43.22
CA GLU B 55 1.69 13.43 41.81
C GLU B 55 0.34 13.27 41.18
N ILE B 56 -0.42 12.29 41.64
CA ILE B 56 -1.73 12.06 41.08
C ILE B 56 -2.61 13.27 41.36
N THR B 57 -2.51 13.83 42.55
CA THR B 57 -3.27 15.01 42.87
C THR B 57 -2.88 16.16 41.96
N ARG B 58 -1.59 16.29 41.67
CA ARG B 58 -1.12 17.34 40.78
C ARG B 58 -1.66 17.20 39.38
N ILE B 59 -1.66 16.00 38.85
CA ILE B 59 -2.16 15.77 37.51
C ILE B 59 -3.63 16.10 37.49
N ALA B 60 -4.35 15.69 38.50
CA ALA B 60 -5.78 15.94 38.53
C ALA B 60 -6.08 17.40 38.60
N ASN B 61 -5.35 18.13 39.41
CA ASN B 61 -5.53 19.55 39.53
C ASN B 61 -5.17 20.25 38.24
N ALA B 62 -4.13 19.78 37.56
CA ALA B 62 -3.72 20.34 36.29
C ALA B 62 -4.71 20.16 35.19
N GLU B 63 -5.49 19.09 35.26
CA GLU B 63 -6.46 18.78 34.21
C GLU B 63 -5.91 18.69 32.79
N PRO B 64 -4.82 17.95 32.59
CA PRO B 64 -4.21 17.97 31.26
C PRO B 64 -5.03 17.44 30.09
N GLY B 65 -5.80 16.40 30.27
CA GLY B 65 -6.61 15.85 29.23
C GLY B 65 -7.66 16.80 28.76
N ARG B 66 -8.23 17.55 29.67
CA ARG B 66 -9.21 18.54 29.32
C ARG B 66 -8.57 19.56 28.43
N TRP B 67 -7.38 19.99 28.79
CA TRP B 67 -6.70 20.98 28.01
C TRP B 67 -6.35 20.54 26.65
N LEU B 68 -5.94 19.31 26.50
CA LEU B 68 -5.65 18.77 25.19
C LEU B 68 -6.93 18.72 24.37
N ALA B 69 -8.04 18.38 25.00
CA ALA B 69 -9.32 18.39 24.30
C ALA B 69 -9.72 19.75 23.83
N ILE B 70 -9.53 20.75 24.67
CA ILE B 70 -9.86 22.11 24.31
C ILE B 70 -8.99 22.53 23.15
N GLY B 71 -7.73 22.17 23.18
CA GLY B 71 -6.82 22.48 22.11
C GLY B 71 -7.15 21.83 20.80
N LYS B 72 -7.55 20.59 20.84
CA LYS B 72 -7.93 19.90 19.63
C LYS B 72 -9.13 20.57 19.02
N THR B 73 -10.09 20.93 19.85
CA THR B 73 -11.30 21.54 19.36
C THR B 73 -10.96 22.87 18.74
N ASP B 74 -10.10 23.63 19.38
CA ASP B 74 -9.68 24.89 18.83
C ASP B 74 -8.92 24.74 17.53
N ILE B 75 -8.04 23.76 17.44
CA ILE B 75 -7.34 23.54 16.20
C ILE B 75 -8.32 23.19 15.10
N GLN B 76 -9.25 22.30 15.40
CA GLN B 76 -10.19 21.88 14.39
C GLN B 76 -11.13 22.96 13.92
N THR B 77 -11.66 23.74 14.85
CA THR B 77 -12.54 24.81 14.51
C THR B 77 -11.79 25.83 13.70
N GLY B 78 -10.55 26.09 14.07
CA GLY B 78 -9.75 27.04 13.37
C GLY B 78 -9.52 26.66 11.94
N MET B 79 -9.28 25.38 11.70
CA MET B 79 -9.06 24.90 10.34
C MET B 79 -10.28 25.15 9.51
N MET B 80 -11.45 24.93 10.09
CA MET B 80 -12.68 25.12 9.36
C MET B 80 -12.84 26.57 8.93
N ALA B 81 -12.43 27.49 9.78
CA ALA B 81 -12.51 28.89 9.46
C ALA B 81 -11.60 29.31 8.32
N ILE B 82 -10.39 28.79 8.30
CA ILE B 82 -9.48 29.09 7.21
C ILE B 82 -10.06 28.53 5.95
N ILE B 83 -10.63 27.34 6.03
CA ILE B 83 -11.26 26.73 4.88
C ILE B 83 -12.43 27.54 4.38
N ARG B 84 -13.23 28.09 5.28
CA ARG B 84 -14.34 28.94 4.86
C ARG B 84 -13.83 30.18 4.15
N ALA B 85 -12.73 30.74 4.62
CA ALA B 85 -12.15 31.88 3.96
C ALA B 85 -11.72 31.58 2.55
N ILE B 86 -11.13 30.43 2.32
CA ILE B 86 -10.78 30.05 0.98
C ILE B 86 -12.02 29.77 0.15
N ALA B 87 -12.97 29.05 0.72
CA ALA B 87 -14.19 28.67 0.02
C ALA B 87 -15.12 29.77 -0.32
N GLN B 88 -15.22 30.73 0.57
CA GLN B 88 -16.11 31.86 0.36
C GLN B 88 -17.54 31.49 0.02
N PRO B 89 -18.24 30.82 0.94
CA PRO B 89 -19.63 30.41 0.73
C PRO B 89 -20.62 31.55 0.60
N ASP B 90 -21.71 31.33 -0.09
CA ASP B 90 -22.68 32.38 -0.37
C ASP B 90 -23.72 32.50 0.70
N SER B 91 -23.51 31.83 1.82
CA SER B 91 -24.53 31.84 2.83
C SER B 91 -24.06 32.30 4.19
N PHE B 92 -25.00 32.74 5.03
CA PHE B 92 -24.67 33.12 6.38
C PHE B 92 -24.05 31.93 7.09
N ASN C 2 -16.36 -12.74 12.64
CA ASN C 2 -17.38 -13.66 12.17
C ASN C 2 -17.19 -13.98 10.71
N GLN C 3 -16.05 -13.60 10.14
CA GLN C 3 -15.87 -13.78 8.72
C GLN C 3 -15.94 -15.20 8.28
N HIS C 4 -15.27 -16.09 8.98
CA HIS C 4 -15.22 -17.47 8.60
C HIS C 4 -16.53 -18.15 8.70
N LYS C 5 -17.33 -17.76 9.66
CA LYS C 5 -18.66 -18.32 9.75
C LYS C 5 -19.44 -17.95 8.51
N LYS C 6 -19.24 -16.74 7.98
CA LYS C 6 -19.87 -16.37 6.72
C LYS C 6 -19.38 -17.23 5.58
N ILE C 7 -18.09 -17.54 5.57
CA ILE C 7 -17.51 -18.34 4.49
C ILE C 7 -17.88 -19.80 4.56
N LYS C 8 -18.33 -20.35 3.45
CA LYS C 8 -18.77 -21.71 3.45
C LYS C 8 -17.71 -22.72 3.75
N GLY C 9 -17.95 -23.59 4.71
CA GLY C 9 -17.04 -24.66 5.02
C GLY C 9 -15.92 -24.35 5.97
N TYR C 10 -15.76 -23.08 6.27
CA TYR C 10 -14.69 -22.72 7.14
C TYR C 10 -15.14 -23.04 8.51
N ARG C 11 -14.24 -23.53 9.33
CA ARG C 11 -14.63 -23.98 10.63
C ARG C 11 -13.73 -23.44 11.68
N ASP C 12 -14.19 -23.48 12.91
CA ASP C 12 -13.43 -22.94 14.01
C ASP C 12 -12.14 -23.66 14.22
N LEU C 13 -11.08 -22.92 14.50
CA LEU C 13 -9.77 -23.52 14.56
C LEU C 13 -9.04 -23.43 15.86
N SER C 14 -8.34 -24.50 16.19
CA SER C 14 -7.54 -24.51 17.39
C SER C 14 -6.29 -23.73 17.21
N GLN C 15 -5.65 -23.34 18.29
CA GLN C 15 -4.41 -22.63 18.18
C GLN C 15 -3.39 -23.53 17.59
N GLU C 16 -3.51 -24.82 17.85
CA GLU C 16 -2.55 -25.79 17.32
C GLU C 16 -2.65 -25.76 15.82
N GLU C 17 -3.85 -25.74 15.30
CA GLU C 17 -4.03 -25.64 13.89
C GLU C 17 -3.52 -24.33 13.33
N ILE C 18 -3.82 -23.24 14.00
CA ILE C 18 -3.40 -21.92 13.56
C ILE C 18 -1.89 -21.79 13.57
N ASP C 19 -1.25 -22.33 14.58
CA ASP C 19 0.18 -22.28 14.67
C ASP C 19 0.86 -23.02 13.55
N MET C 20 0.32 -24.16 13.19
CA MET C 20 0.84 -24.90 12.08
C MET C 20 0.66 -24.17 10.77
N MET C 21 -0.49 -23.55 10.57
CA MET C 21 -0.74 -22.80 9.37
C MET C 21 0.21 -21.65 9.27
N ASN C 22 0.46 -21.01 10.39
CA ASN C 22 1.39 -19.90 10.42
C ASN C 22 2.80 -20.32 10.16
N ARG C 23 3.18 -21.50 10.60
CA ARG C 23 4.50 -22.01 10.33
C ARG C 23 4.72 -22.20 8.84
N VAL C 24 3.72 -22.67 8.13
CA VAL C 24 3.82 -22.84 6.69
C VAL C 24 4.02 -21.50 6.05
N LYS C 25 3.25 -20.52 6.49
CA LYS C 25 3.36 -19.19 5.97
C LYS C 25 4.70 -18.57 6.24
N GLU C 26 5.26 -18.83 7.40
CA GLU C 26 6.56 -18.31 7.76
C GLU C 26 7.68 -18.94 7.00
N LEU C 27 7.60 -20.24 6.76
CA LEU C 27 8.60 -20.92 5.97
C LEU C 27 8.54 -20.41 4.57
N GLY C 28 7.34 -20.13 4.08
CA GLY C 28 7.17 -19.57 2.76
C GLY C 28 7.79 -18.21 2.65
N SER C 29 7.68 -17.44 3.69
CA SER C 29 8.29 -16.14 3.66
C SER C 29 9.76 -16.30 3.47
N GLN C 30 10.36 -17.32 4.05
CA GLN C 30 11.77 -17.57 3.80
C GLN C 30 12.02 -17.93 2.35
N PHE C 31 11.14 -18.71 1.74
CA PHE C 31 11.25 -19.03 0.32
C PHE C 31 11.13 -17.83 -0.56
N GLU C 32 10.29 -16.88 -0.19
CA GLU C 32 10.16 -15.66 -0.95
C GLU C 32 11.45 -14.91 -1.00
N LYS C 33 12.14 -14.83 0.13
CA LYS C 33 13.40 -14.15 0.16
C LYS C 33 14.41 -14.82 -0.72
N LEU C 34 14.44 -16.13 -0.70
CA LEU C 34 15.34 -16.87 -1.57
C LEU C 34 15.03 -16.67 -3.05
N ILE C 35 13.77 -16.66 -3.41
CA ILE C 35 13.37 -16.45 -4.78
C ILE C 35 13.80 -15.07 -5.22
N GLN C 36 13.69 -14.09 -4.34
CA GLN C 36 14.12 -12.74 -4.64
C GLN C 36 15.60 -12.69 -4.81
N ASP C 37 16.32 -13.43 -4.00
CA ASP C 37 17.76 -13.50 -4.15
C ASP C 37 18.18 -14.12 -5.47
N VAL C 38 17.50 -15.16 -5.90
CA VAL C 38 17.78 -15.76 -7.20
C VAL C 38 17.48 -14.78 -8.31
N SER C 39 16.40 -14.02 -8.17
CA SER C 39 16.04 -13.04 -9.17
C SER C 39 17.11 -12.00 -9.32
N ASP C 40 17.66 -11.59 -8.21
CA ASP C 40 18.72 -10.61 -8.23
C ASP C 40 19.94 -11.15 -8.94
N HIS C 41 20.27 -12.41 -8.70
CA HIS C 41 21.39 -13.03 -9.38
C HIS C 41 21.14 -13.07 -10.85
N LEU C 42 19.93 -13.38 -11.23
CA LEU C 42 19.59 -13.47 -12.63
C LEU C 42 19.73 -12.14 -13.33
N ARG C 43 19.30 -11.07 -12.68
CA ARG C 43 19.46 -9.75 -13.24
C ARG C 43 20.90 -9.38 -13.37
N GLY C 44 21.68 -9.69 -12.34
CA GLY C 44 23.09 -9.39 -12.37
C GLY C 44 23.80 -10.15 -13.43
N GLN C 45 23.46 -11.41 -13.60
CA GLN C 45 24.07 -12.25 -14.60
C GLN C 45 23.84 -11.67 -15.96
N TYR C 46 22.60 -11.34 -16.26
CA TYR C 46 22.26 -10.82 -17.56
C TYR C 46 22.95 -9.50 -17.83
N ASN C 47 22.97 -8.63 -16.84
CA ASN C 47 23.61 -7.34 -17.01
C ASN C 47 25.09 -7.44 -17.23
N ALA C 48 25.74 -8.32 -16.48
CA ALA C 48 27.16 -8.55 -16.67
C ALA C 48 27.44 -9.17 -18.02
N SER C 49 26.56 -10.06 -18.47
CA SER C 49 26.80 -10.76 -19.72
C SER C 49 26.27 -9.99 -20.88
N LEU C 50 25.75 -8.80 -20.63
CA LEU C 50 25.32 -7.97 -21.72
C LEU C 50 26.50 -7.70 -22.59
N HIS C 51 26.29 -7.69 -23.90
CA HIS C 51 27.36 -7.51 -24.88
C HIS C 51 28.11 -8.75 -25.21
N ASN C 52 27.75 -9.88 -24.60
CA ASN C 52 28.34 -11.13 -25.03
C ASN C 52 27.08 -11.71 -25.59
N ARG C 53 26.99 -11.77 -26.90
CA ARG C 53 25.78 -12.23 -27.54
C ARG C 53 25.51 -13.65 -27.16
N ASP C 54 26.55 -14.46 -27.15
CA ASP C 54 26.39 -15.87 -26.85
C ASP C 54 25.91 -16.16 -25.45
N GLU C 55 26.43 -15.45 -24.46
CA GLU C 55 25.94 -15.62 -23.10
C GLU C 55 24.50 -15.20 -22.95
N ILE C 56 24.15 -14.11 -23.60
CA ILE C 56 22.78 -13.66 -23.53
C ILE C 56 21.88 -14.69 -24.18
N THR C 57 22.30 -15.26 -25.29
CA THR C 57 21.53 -16.28 -25.95
C THR C 57 21.41 -17.50 -25.04
N ARG C 58 22.46 -17.85 -24.33
CA ARG C 58 22.40 -18.94 -23.40
C ARG C 58 21.34 -18.69 -22.37
N ILE C 59 21.34 -17.50 -21.79
CA ILE C 59 20.36 -17.17 -20.78
C ILE C 59 18.97 -17.22 -21.36
N ALA C 60 18.78 -16.68 -22.55
CA ALA C 60 17.47 -16.65 -23.15
C ALA C 60 16.93 -18.04 -23.42
N ASN C 61 17.78 -18.91 -23.92
CA ASN C 61 17.37 -20.29 -24.13
C ASN C 61 17.11 -21.04 -22.85
N ALA C 62 17.90 -20.77 -21.82
CA ALA C 62 17.70 -21.39 -20.52
C ALA C 62 16.40 -21.00 -19.85
N GLU C 63 15.92 -19.80 -20.15
CA GLU C 63 14.69 -19.29 -19.56
C GLU C 63 14.61 -19.28 -18.04
N PRO C 64 15.64 -18.75 -17.37
CA PRO C 64 15.63 -18.84 -15.92
C PRO C 64 14.52 -18.13 -15.16
N GLY C 65 14.08 -16.98 -15.60
CA GLY C 65 13.01 -16.25 -14.97
C GLY C 65 11.73 -17.00 -15.03
N ARG C 66 11.47 -17.66 -16.14
CA ARG C 66 10.29 -18.45 -16.28
C ARG C 66 10.33 -19.55 -15.28
N TRP C 67 11.48 -20.17 -15.12
CA TRP C 67 11.63 -21.24 -14.19
C TRP C 67 11.45 -20.85 -12.76
N LEU C 68 11.97 -19.70 -12.37
CA LEU C 68 11.77 -19.19 -11.02
C LEU C 68 10.31 -18.90 -10.80
N ALA C 69 9.63 -18.39 -11.80
CA ALA C 69 8.21 -18.14 -11.70
C ALA C 69 7.39 -19.39 -11.54
N ILE C 70 7.73 -20.45 -12.24
CA ILE C 70 7.04 -21.71 -12.09
C ILE C 70 7.24 -22.19 -10.68
N GLY C 71 8.46 -22.06 -10.17
CA GLY C 71 8.76 -22.46 -8.81
C GLY C 71 8.04 -21.72 -7.74
N LYS C 72 7.89 -20.42 -7.88
CA LYS C 72 7.15 -19.62 -6.92
C LYS C 72 5.73 -20.05 -6.86
N THR C 73 5.15 -20.27 -8.02
CA THR C 73 3.76 -20.63 -8.08
C THR C 73 3.59 -21.94 -7.38
N ASP C 74 4.49 -22.86 -7.62
CA ASP C 74 4.43 -24.16 -7.00
C ASP C 74 4.59 -24.14 -5.51
N ILE C 75 5.51 -23.33 -5.01
CA ILE C 75 5.70 -23.22 -3.57
C ILE C 75 4.45 -22.68 -2.93
N GLN C 76 3.91 -21.64 -3.52
CA GLN C 76 2.72 -21.06 -2.99
C GLN C 76 1.52 -21.97 -3.03
N THR C 77 1.31 -22.64 -4.14
CA THR C 77 0.19 -23.55 -4.26
C THR C 77 0.34 -24.69 -3.29
N GLY C 78 1.55 -25.17 -3.11
CA GLY C 78 1.80 -26.22 -2.14
C GLY C 78 1.53 -25.81 -0.73
N MET C 79 1.88 -24.59 -0.39
CA MET C 79 1.64 -24.07 0.93
C MET C 79 0.17 -24.04 1.18
N MET C 80 -0.58 -23.66 0.17
CA MET C 80 -2.01 -23.59 0.30
C MET C 80 -2.57 -24.95 0.58
N ALA C 81 -2.06 -25.96 -0.08
CA ALA C 81 -2.50 -27.30 0.15
C ALA C 81 -2.22 -27.82 1.55
N ILE C 82 -1.06 -27.53 2.08
CA ILE C 82 -0.72 -27.92 3.44
C ILE C 82 -1.64 -27.21 4.40
N ILE C 83 -1.95 -25.96 4.14
CA ILE C 83 -2.89 -25.24 4.98
C ILE C 83 -4.27 -25.87 4.92
N ARG C 84 -4.72 -26.30 3.74
CA ARG C 84 -6.03 -26.92 3.59
C ARG C 84 -6.05 -28.20 4.37
N ALA C 85 -4.95 -28.92 4.38
CA ALA C 85 -4.86 -30.10 5.18
C ALA C 85 -4.97 -29.84 6.67
N ILE C 86 -4.33 -28.81 7.18
CA ILE C 86 -4.49 -28.45 8.57
C ILE C 86 -5.86 -27.92 8.90
N ALA C 87 -6.36 -27.00 8.07
CA ALA C 87 -7.66 -26.38 8.28
C ALA C 87 -8.85 -27.27 8.11
N GLN C 88 -8.77 -28.18 7.17
CA GLN C 88 -9.86 -29.11 6.90
C GLN C 88 -11.23 -28.53 6.65
N PRO C 89 -11.38 -27.76 5.57
CA PRO C 89 -12.67 -27.18 5.24
C PRO C 89 -13.73 -28.21 4.91
N ASP C 90 -14.99 -27.86 5.13
CA ASP C 90 -16.10 -28.78 4.93
C ASP C 90 -16.77 -28.56 3.61
N SER C 91 -16.08 -27.93 2.69
CA SER C 91 -16.65 -27.69 1.40
C SER C 91 -15.75 -28.28 0.34
N PHE C 92 -16.32 -28.63 -0.80
CA PHE C 92 -15.52 -29.11 -1.91
C PHE C 92 -14.50 -28.08 -2.30
N ASN D 2 -12.56 -13.64 12.80
CA ASN D 2 -12.23 -13.46 14.21
C ASN D 2 -10.92 -14.14 14.45
N GLN D 3 -10.75 -15.32 13.86
CA GLN D 3 -9.49 -16.02 13.97
C GLN D 3 -8.65 -15.63 12.79
N HIS D 4 -9.18 -14.78 11.93
CA HIS D 4 -8.47 -14.45 10.72
C HIS D 4 -7.14 -13.76 10.86
N LYS D 5 -6.98 -12.83 11.79
CA LYS D 5 -5.68 -12.21 11.99
C LYS D 5 -4.81 -12.99 12.90
N LYS D 6 -5.34 -14.04 13.50
CA LYS D 6 -4.47 -14.93 14.24
C LYS D 6 -3.65 -15.54 13.11
N ILE D 7 -4.28 -15.80 11.97
CA ILE D 7 -3.57 -16.28 10.79
C ILE D 7 -2.85 -15.17 10.04
N LYS D 8 -1.63 -15.41 9.60
CA LYS D 8 -0.86 -14.39 8.93
C LYS D 8 -1.31 -14.00 7.55
N GLY D 9 -1.43 -12.71 7.31
CA GLY D 9 -1.76 -12.21 6.01
C GLY D 9 -3.20 -12.18 5.67
N TYR D 10 -4.00 -12.74 6.55
CA TYR D 10 -5.40 -12.80 6.25
C TYR D 10 -5.88 -11.44 6.57
N ARG D 11 -6.80 -10.95 5.78
CA ARG D 11 -7.21 -9.58 5.97
C ARG D 11 -8.70 -9.46 6.09
N ASP D 12 -9.15 -8.33 6.63
CA ASP D 12 -10.57 -8.11 6.80
C ASP D 12 -11.18 -8.08 5.44
N LEU D 13 -12.31 -8.74 5.26
CA LEU D 13 -12.88 -8.85 3.95
C LEU D 13 -14.24 -8.23 3.86
N SER D 14 -14.57 -7.72 2.68
CA SER D 14 -15.84 -7.09 2.50
C SER D 14 -16.86 -8.15 2.28
N GLN D 15 -18.12 -7.80 2.42
CA GLN D 15 -19.19 -8.74 2.19
C GLN D 15 -19.24 -9.14 0.76
N GLU D 16 -19.01 -8.19 -0.13
CA GLU D 16 -19.01 -8.49 -1.53
C GLU D 16 -17.92 -9.48 -1.85
N GLU D 17 -16.76 -9.32 -1.23
CA GLU D 17 -15.70 -10.27 -1.41
C GLU D 17 -16.05 -11.65 -0.90
N ILE D 18 -16.66 -11.73 0.27
CA ILE D 18 -17.07 -13.00 0.83
C ILE D 18 -18.11 -13.64 -0.04
N ASP D 19 -19.03 -12.86 -0.56
CA ASP D 19 -20.07 -13.38 -1.41
C ASP D 19 -19.51 -13.95 -2.69
N MET D 20 -18.53 -13.29 -3.25
CA MET D 20 -17.87 -13.81 -4.44
C MET D 20 -17.13 -15.09 -4.13
N MET D 21 -16.48 -15.15 -2.99
CA MET D 21 -15.78 -16.36 -2.59
C MET D 21 -16.75 -17.49 -2.43
N ASN D 22 -17.89 -17.22 -1.83
CA ASN D 22 -18.91 -18.22 -1.64
C ASN D 22 -19.52 -18.66 -2.95
N ARG D 23 -19.58 -17.77 -3.91
CA ARG D 23 -20.10 -18.11 -5.23
C ARG D 23 -19.23 -19.13 -5.89
N VAL D 24 -17.92 -18.99 -5.76
CA VAL D 24 -17.00 -19.95 -6.31
C VAL D 24 -17.21 -21.30 -5.66
N LYS D 25 -17.39 -21.28 -4.35
CA LYS D 25 -17.60 -22.51 -3.62
C LYS D 25 -18.85 -23.23 -4.03
N GLU D 26 -19.93 -22.50 -4.27
CA GLU D 26 -21.17 -23.13 -4.69
C GLU D 26 -21.13 -23.62 -6.11
N LEU D 27 -20.42 -22.94 -6.97
CA LEU D 27 -20.27 -23.41 -8.34
C LEU D 27 -19.50 -24.70 -8.36
N GLY D 28 -18.50 -24.84 -7.51
CA GLY D 28 -17.77 -26.07 -7.42
C GLY D 28 -18.55 -27.19 -6.81
N SER D 29 -19.48 -26.91 -5.93
CA SER D 29 -20.35 -27.93 -5.41
C SER D 29 -21.08 -28.57 -6.56
N GLN D 30 -21.42 -27.80 -7.57
CA GLN D 30 -22.04 -28.38 -8.74
C GLN D 30 -21.09 -29.32 -9.44
N PHE D 31 -19.82 -28.97 -9.50
CA PHE D 31 -18.81 -29.85 -10.08
C PHE D 31 -18.64 -31.13 -9.29
N GLU D 32 -18.76 -31.06 -7.98
CA GLU D 32 -18.64 -32.24 -7.15
C GLU D 32 -19.66 -33.25 -7.53
N LYS D 33 -20.88 -32.81 -7.81
CA LYS D 33 -21.92 -33.71 -8.26
C LYS D 33 -21.61 -34.34 -9.58
N LEU D 34 -21.09 -33.55 -10.49
CA LEU D 34 -20.79 -34.06 -11.79
C LEU D 34 -19.74 -35.11 -11.63
N ILE D 35 -18.75 -34.85 -10.80
CA ILE D 35 -17.67 -35.82 -10.59
C ILE D 35 -18.25 -37.12 -10.04
N GLN D 36 -19.23 -37.01 -9.15
CA GLN D 36 -19.86 -38.19 -8.60
C GLN D 36 -20.63 -38.95 -9.63
N ASP D 37 -21.29 -38.25 -10.51
CA ASP D 37 -22.01 -38.90 -11.59
C ASP D 37 -21.09 -39.64 -12.51
N VAL D 38 -19.94 -39.07 -12.83
CA VAL D 38 -18.97 -39.72 -13.68
C VAL D 38 -18.44 -40.95 -13.03
N SER D 39 -18.20 -40.88 -11.73
CA SER D 39 -17.69 -42.02 -11.02
C SER D 39 -18.67 -43.14 -11.08
N ASP D 40 -19.94 -42.81 -10.94
CA ASP D 40 -20.98 -43.80 -11.00
C ASP D 40 -21.06 -44.43 -12.36
N HIS D 41 -20.90 -43.63 -13.41
CA HIS D 41 -20.92 -44.15 -14.72
C HIS D 41 -19.79 -45.08 -14.90
N LEU D 42 -18.63 -44.72 -14.40
CA LEU D 42 -17.49 -45.59 -14.48
C LEU D 42 -17.68 -46.90 -13.72
N ARG D 43 -18.24 -46.85 -12.54
CA ARG D 43 -18.48 -48.10 -11.83
C ARG D 43 -19.43 -49.00 -12.60
N GLY D 44 -20.48 -48.43 -13.16
CA GLY D 44 -21.41 -49.21 -13.94
C GLY D 44 -20.78 -49.78 -15.18
N GLN D 45 -19.96 -48.98 -15.82
CA GLN D 45 -19.31 -49.41 -17.03
C GLN D 45 -18.43 -50.58 -16.72
N TYR D 46 -17.70 -50.49 -15.63
CA TYR D 46 -16.80 -51.55 -15.25
C TYR D 46 -17.50 -52.86 -14.99
N ASN D 47 -18.58 -52.81 -14.22
CA ASN D 47 -19.29 -54.02 -13.87
C ASN D 47 -19.86 -54.66 -15.10
N ALA D 48 -20.40 -53.87 -15.99
CA ALA D 48 -20.96 -54.40 -17.20
C ALA D 48 -19.88 -54.96 -18.07
N SER D 49 -18.69 -54.42 -17.97
CA SER D 49 -17.60 -54.85 -18.83
C SER D 49 -16.81 -55.96 -18.26
N LEU D 50 -17.10 -56.34 -17.04
CA LEU D 50 -16.40 -57.43 -16.43
C LEU D 50 -16.63 -58.66 -17.23
N HIS D 51 -15.62 -59.51 -17.31
CA HIS D 51 -15.69 -60.72 -18.09
C HIS D 51 -15.61 -60.48 -19.58
N ASN D 52 -15.49 -59.24 -20.01
CA ASN D 52 -15.21 -58.98 -21.43
C ASN D 52 -13.81 -58.52 -21.32
N ARG D 53 -12.87 -59.38 -21.65
CA ARG D 53 -11.49 -59.03 -21.48
C ARG D 53 -11.15 -57.87 -22.34
N ASP D 54 -11.69 -57.84 -23.53
CA ASP D 54 -11.43 -56.75 -24.43
C ASP D 54 -11.80 -55.42 -23.84
N GLU D 55 -12.95 -55.35 -23.17
CA GLU D 55 -13.40 -54.12 -22.55
C GLU D 55 -12.67 -53.78 -21.30
N ILE D 56 -12.39 -54.78 -20.48
CA ILE D 56 -11.71 -54.54 -19.22
C ILE D 56 -10.34 -53.99 -19.51
N THR D 57 -9.69 -54.56 -20.50
CA THR D 57 -8.37 -54.12 -20.83
C THR D 57 -8.43 -52.69 -21.32
N ARG D 58 -9.45 -52.36 -22.08
CA ARG D 58 -9.58 -51.02 -22.59
C ARG D 58 -9.72 -50.00 -21.50
N ILE D 59 -10.58 -50.28 -20.52
CA ILE D 59 -10.81 -49.36 -19.43
C ILE D 59 -9.54 -49.22 -18.64
N ALA D 60 -8.82 -50.30 -18.45
CA ALA D 60 -7.60 -50.25 -17.69
C ALA D 60 -6.55 -49.41 -18.34
N ASN D 61 -6.41 -49.55 -19.64
CA ASN D 61 -5.47 -48.74 -20.35
C ASN D 61 -5.90 -47.29 -20.33
N ALA D 62 -7.19 -47.06 -20.42
CA ALA D 62 -7.74 -45.71 -20.42
C ALA D 62 -7.54 -44.95 -19.15
N GLU D 63 -7.50 -45.67 -18.03
CA GLU D 63 -7.34 -45.04 -16.73
C GLU D 63 -8.35 -43.98 -16.37
N PRO D 64 -9.64 -44.26 -16.56
CA PRO D 64 -10.61 -43.19 -16.34
C PRO D 64 -10.70 -42.61 -14.94
N GLY D 65 -10.59 -43.42 -13.90
CA GLY D 65 -10.63 -42.95 -12.54
C GLY D 65 -9.48 -42.04 -12.20
N ARG D 66 -8.32 -42.35 -12.73
CA ARG D 66 -7.17 -41.52 -12.52
C ARG D 66 -7.41 -40.17 -13.12
N TRP D 67 -7.98 -40.15 -14.31
CA TRP D 67 -8.26 -38.91 -14.95
C TRP D 67 -9.27 -38.08 -14.26
N LEU D 68 -10.29 -38.70 -13.70
CA LEU D 68 -11.28 -37.97 -12.93
C LEU D 68 -10.65 -37.38 -11.71
N ALA D 69 -9.76 -38.11 -11.07
CA ALA D 69 -9.06 -37.60 -9.93
C ALA D 69 -8.17 -36.43 -10.24
N ILE D 70 -7.47 -36.49 -11.37
CA ILE D 70 -6.62 -35.41 -11.76
C ILE D 70 -7.48 -34.18 -11.98
N GLY D 71 -8.63 -34.36 -12.60
CA GLY D 71 -9.55 -33.26 -12.83
C GLY D 71 -10.16 -32.63 -11.63
N LYS D 72 -10.56 -33.42 -10.65
CA LYS D 72 -11.13 -32.90 -9.44
C LYS D 72 -10.14 -32.06 -8.72
N THR D 73 -8.91 -32.52 -8.66
CA THR D 73 -7.87 -31.80 -7.96
C THR D 73 -7.68 -30.46 -8.61
N ASP D 74 -7.69 -30.44 -9.93
CA ASP D 74 -7.55 -29.20 -10.68
C ASP D 74 -8.66 -28.22 -10.48
N ILE D 75 -9.89 -28.70 -10.45
CA ILE D 75 -11.02 -27.83 -10.20
C ILE D 75 -10.89 -27.22 -8.84
N GLN D 76 -10.56 -28.02 -7.85
CA GLN D 76 -10.43 -27.53 -6.50
C GLN D 76 -9.32 -26.56 -6.30
N THR D 77 -8.16 -26.83 -6.85
CA THR D 77 -7.02 -25.92 -6.75
C THR D 77 -7.33 -24.62 -7.46
N GLY D 78 -8.01 -24.71 -8.58
CA GLY D 78 -8.41 -23.53 -9.31
C GLY D 78 -9.36 -22.70 -8.54
N MET D 79 -10.29 -23.33 -7.85
CA MET D 79 -11.23 -22.60 -7.04
C MET D 79 -10.50 -21.82 -5.99
N MET D 80 -9.50 -22.43 -5.38
CA MET D 80 -8.69 -21.77 -4.36
C MET D 80 -7.96 -20.58 -4.90
N ALA D 81 -7.45 -20.67 -6.11
CA ALA D 81 -6.79 -19.54 -6.74
C ALA D 81 -7.70 -18.39 -7.04
N ILE D 82 -8.89 -18.66 -7.52
CA ILE D 82 -9.86 -17.59 -7.76
C ILE D 82 -10.23 -16.95 -6.41
N ILE D 83 -10.39 -17.73 -5.37
CA ILE D 83 -10.67 -17.19 -4.06
C ILE D 83 -9.53 -16.33 -3.58
N ARG D 84 -8.30 -16.75 -3.82
CA ARG D 84 -7.14 -15.99 -3.40
C ARG D 84 -7.12 -14.66 -4.09
N ALA D 85 -7.52 -14.62 -5.34
CA ALA D 85 -7.61 -13.37 -6.04
C ALA D 85 -8.60 -12.44 -5.43
N ILE D 86 -9.76 -12.94 -5.04
CA ILE D 86 -10.74 -12.12 -4.37
C ILE D 86 -10.30 -11.71 -2.97
N ALA D 87 -9.81 -12.65 -2.20
CA ALA D 87 -9.42 -12.39 -0.82
C ALA D 87 -8.22 -11.52 -0.66
N GLN D 88 -7.30 -11.61 -1.60
CA GLN D 88 -6.09 -10.82 -1.54
C GLN D 88 -5.24 -10.90 -0.27
N PRO D 89 -4.72 -12.08 0.03
CA PRO D 89 -3.85 -12.20 1.20
C PRO D 89 -2.60 -11.37 1.13
N ASP D 90 -2.12 -10.93 2.28
CA ASP D 90 -0.97 -10.05 2.33
C ASP D 90 0.34 -10.75 2.57
N SER D 91 0.34 -12.05 2.39
CA SER D 91 1.53 -12.82 2.61
C SER D 91 1.89 -13.62 1.38
N PHE D 92 3.15 -14.00 1.22
CA PHE D 92 3.58 -14.83 0.12
C PHE D 92 2.68 -16.04 0.05
N ASN E 2 30.47 26.12 -7.85
CA ASN E 2 29.38 26.26 -8.78
C ASN E 2 28.91 24.91 -9.26
N GLN E 3 27.61 24.68 -9.17
CA GLN E 3 27.04 23.44 -9.66
C GLN E 3 27.17 23.27 -11.15
N HIS E 4 26.98 24.33 -11.89
CA HIS E 4 26.97 24.23 -13.33
C HIS E 4 28.26 24.47 -14.04
N LYS E 5 29.31 24.76 -13.31
CA LYS E 5 30.56 25.10 -13.96
C LYS E 5 31.13 23.97 -14.78
N LYS E 6 31.03 22.76 -14.27
CA LYS E 6 31.48 21.62 -15.04
C LYS E 6 30.66 21.41 -16.29
N ILE E 7 29.36 21.65 -16.21
CA ILE E 7 28.53 21.53 -17.39
C ILE E 7 28.93 22.54 -18.45
N LYS E 8 29.13 22.09 -19.66
CA LYS E 8 29.63 22.96 -20.71
C LYS E 8 28.63 23.93 -21.30
N GLY E 9 28.99 25.21 -21.35
CA GLY E 9 28.13 26.22 -21.93
C GLY E 9 27.13 26.85 -21.01
N TYR E 10 26.98 26.30 -19.82
CA TYR E 10 26.05 26.85 -18.87
C TYR E 10 26.63 28.12 -18.28
N ARG E 11 25.77 29.02 -17.83
CA ARG E 11 26.25 30.27 -17.30
C ARG E 11 25.58 30.69 -16.01
N ASP E 12 26.25 31.56 -15.25
CA ASP E 12 25.68 32.05 -14.01
C ASP E 12 24.44 32.77 -14.36
N LEU E 13 23.38 32.52 -13.63
CA LEU E 13 22.10 33.09 -14.01
C LEU E 13 21.59 34.05 -13.03
N SER E 14 20.95 35.08 -13.53
CA SER E 14 20.36 36.04 -12.66
C SER E 14 19.14 35.44 -12.06
N GLN E 15 18.70 35.99 -10.95
CA GLN E 15 17.50 35.53 -10.33
C GLN E 15 16.35 35.74 -11.26
N GLU E 16 16.35 36.83 -12.02
CA GLU E 16 15.22 37.11 -12.87
C GLU E 16 15.10 35.99 -13.86
N GLU E 17 16.24 35.56 -14.38
CA GLU E 17 16.24 34.44 -15.28
C GLU E 17 15.76 33.17 -14.63
N ILE E 18 16.22 32.90 -13.42
CA ILE E 18 15.78 31.72 -12.70
C ILE E 18 14.31 31.78 -12.36
N ASP E 19 13.83 32.94 -11.96
CA ASP E 19 12.44 33.07 -11.61
C ASP E 19 11.54 32.83 -12.80
N MET E 20 11.91 33.34 -13.96
CA MET E 20 11.14 33.08 -15.15
C MET E 20 11.18 31.61 -15.49
N MET E 21 12.35 31.00 -15.32
CA MET E 21 12.48 29.59 -15.61
C MET E 21 11.57 28.80 -14.71
N ASN E 22 11.49 29.19 -13.46
CA ASN E 22 10.62 28.52 -12.53
C ASN E 22 9.16 28.66 -12.90
N ARG E 23 8.77 29.79 -13.43
CA ARG E 23 7.40 29.99 -13.86
C ARG E 23 7.04 28.98 -14.91
N VAL E 24 7.94 28.74 -15.87
CA VAL E 24 7.67 27.78 -16.93
C VAL E 24 7.49 26.39 -16.36
N LYS E 25 8.36 26.00 -15.43
CA LYS E 25 8.26 24.70 -14.81
C LYS E 25 6.99 24.55 -14.03
N GLU E 26 6.59 25.59 -13.32
CA GLU E 26 5.37 25.58 -12.55
C GLU E 26 4.16 25.43 -13.42
N LEU E 27 4.13 26.13 -14.53
CA LEU E 27 3.02 26.01 -15.44
C LEU E 27 2.94 24.62 -16.01
N GLY E 28 4.08 24.01 -16.30
CA GLY E 28 4.09 22.65 -16.79
C GLY E 28 3.56 21.69 -15.79
N SER E 29 3.83 21.94 -14.52
CA SER E 29 3.31 21.10 -13.46
C SER E 29 1.80 21.16 -13.46
N GLN E 30 1.24 22.31 -13.81
CA GLN E 30 -0.20 22.40 -13.87
C GLN E 30 -0.67 21.61 -15.04
N PHE E 31 0.14 21.51 -16.07
CA PHE E 31 -0.22 20.75 -17.25
C PHE E 31 -0.14 19.28 -16.93
N GLU E 32 0.76 18.90 -16.04
CA GLU E 32 0.87 17.52 -15.63
C GLU E 32 -0.40 17.12 -14.96
N LYS E 33 -0.95 18.00 -14.16
CA LYS E 33 -2.17 17.71 -13.48
C LYS E 33 -3.27 17.48 -14.47
N LEU E 34 -3.34 18.33 -15.48
CA LEU E 34 -4.35 18.18 -16.49
C LEU E 34 -4.17 16.86 -17.20
N ILE E 35 -2.94 16.52 -17.52
CA ILE E 35 -2.67 15.30 -18.25
C ILE E 35 -3.06 14.09 -17.43
N GLN E 36 -2.76 14.12 -16.14
CA GLN E 36 -3.09 13.02 -15.28
C GLN E 36 -4.59 12.84 -15.28
N ASP E 37 -5.33 13.94 -15.19
CA ASP E 37 -6.76 13.87 -15.18
C ASP E 37 -7.32 13.31 -16.48
N VAL E 38 -6.74 13.68 -17.60
CA VAL E 38 -7.17 13.15 -18.90
C VAL E 38 -6.92 11.65 -18.97
N SER E 39 -5.79 11.18 -18.45
CA SER E 39 -5.50 9.76 -18.43
C SER E 39 -6.51 9.04 -17.62
N ASP E 40 -6.89 9.62 -16.49
CA ASP E 40 -7.90 9.02 -15.67
C ASP E 40 -9.24 8.92 -16.35
N HIS E 41 -9.63 9.95 -17.09
CA HIS E 41 -10.89 9.92 -17.81
C HIS E 41 -10.86 8.83 -18.80
N LEU E 42 -9.75 8.68 -19.49
CA LEU E 42 -9.61 7.66 -20.49
C LEU E 42 -9.68 6.27 -19.88
N ARG E 43 -9.08 6.10 -18.73
CA ARG E 43 -9.06 4.81 -18.09
C ARG E 43 -10.46 4.44 -17.73
N GLY E 44 -11.21 5.39 -17.22
CA GLY E 44 -12.58 5.14 -16.87
C GLY E 44 -13.40 4.81 -18.08
N GLN E 45 -13.17 5.51 -19.17
CA GLN E 45 -13.94 5.28 -20.35
C GLN E 45 -13.71 3.89 -20.84
N TYR E 46 -12.46 3.45 -20.82
CA TYR E 46 -12.14 2.13 -21.30
C TYR E 46 -12.83 1.11 -20.44
N ASN E 47 -12.73 1.30 -19.13
CA ASN E 47 -13.31 0.35 -18.22
C ASN E 47 -14.83 0.30 -18.37
N ALA E 48 -15.47 1.44 -18.52
CA ALA E 48 -16.91 1.49 -18.67
C ALA E 48 -17.39 0.86 -19.93
N SER E 49 -16.64 1.08 -21.00
CA SER E 49 -17.08 0.58 -22.28
C SER E 49 -16.63 -0.83 -22.54
N LEU E 50 -16.08 -1.49 -21.53
CA LEU E 50 -15.68 -2.87 -21.71
C LEU E 50 -16.85 -3.74 -22.01
N HIS E 51 -16.62 -4.79 -22.79
CA HIS E 51 -17.66 -5.70 -23.21
C HIS E 51 -18.57 -5.12 -24.26
N ASN E 52 -18.42 -3.83 -24.62
CA ASN E 52 -19.18 -3.28 -25.73
C ASN E 52 -18.10 -3.29 -26.74
N ARG E 53 -18.17 -4.19 -27.69
CA ARG E 53 -17.08 -4.32 -28.63
C ARG E 53 -16.93 -3.08 -29.45
N ASP E 54 -18.04 -2.48 -29.83
CA ASP E 54 -17.98 -1.34 -30.71
C ASP E 54 -17.23 -0.16 -30.14
N GLU E 55 -17.49 0.17 -28.89
CA GLU E 55 -16.75 1.25 -28.28
C GLU E 55 -15.31 0.88 -28.11
N ILE E 56 -15.04 -0.33 -27.72
CA ILE E 56 -13.67 -0.71 -27.48
C ILE E 56 -12.89 -0.60 -28.78
N THR E 57 -13.46 -1.04 -29.88
CA THR E 57 -12.80 -0.94 -31.16
C THR E 57 -12.60 0.51 -31.54
N ARG E 58 -13.57 1.35 -31.24
CA ARG E 58 -13.48 2.75 -31.56
C ARG E 58 -12.35 3.40 -30.83
N ILE E 59 -12.23 3.09 -29.54
CA ILE E 59 -11.18 3.67 -28.74
C ILE E 59 -9.85 3.22 -29.28
N ALA E 60 -9.75 1.96 -29.64
CA ALA E 60 -8.50 1.44 -30.12
C ALA E 60 -8.03 2.09 -31.41
N ASN E 61 -8.94 2.28 -32.35
CA ASN E 61 -8.59 2.95 -33.58
C ASN E 61 -8.21 4.39 -33.32
N ALA E 62 -8.90 5.05 -32.39
CA ALA E 62 -8.61 6.44 -32.06
C ALA E 62 -7.24 6.67 -31.46
N GLU E 63 -6.75 5.71 -30.69
CA GLU E 63 -5.46 5.85 -29.98
C GLU E 63 -5.30 7.03 -29.03
N PRO E 64 -6.28 7.28 -28.15
CA PRO E 64 -6.18 8.45 -27.30
C PRO E 64 -5.01 8.50 -26.37
N GLY E 65 -4.62 7.37 -25.80
CA GLY E 65 -3.47 7.31 -24.93
C GLY E 65 -2.20 7.67 -25.64
N ARG E 66 -2.05 7.24 -26.88
CA ARG E 66 -0.91 7.62 -27.68
C ARG E 66 -0.91 9.10 -27.93
N TRP E 67 -2.06 9.66 -28.22
CA TRP E 67 -2.13 11.07 -28.44
C TRP E 67 -1.82 11.86 -27.22
N LEU E 68 -2.26 11.40 -26.06
CA LEU E 68 -1.92 12.06 -24.83
C LEU E 68 -0.43 11.99 -24.62
N ALA E 69 0.16 10.88 -24.95
CA ALA E 69 1.60 10.74 -24.83
C ALA E 69 2.36 11.69 -25.73
N ILE E 70 1.92 11.84 -26.96
CA ILE E 70 2.55 12.75 -27.87
C ILE E 70 2.47 14.16 -27.32
N GLY E 71 1.32 14.52 -26.78
CA GLY E 71 1.14 15.83 -26.20
C GLY E 71 2.02 16.11 -25.02
N LYS E 72 2.19 15.13 -24.16
CA LYS E 72 2.99 15.33 -22.97
C LYS E 72 4.41 15.62 -23.34
N THR E 73 4.93 14.88 -24.29
CA THR E 73 6.29 15.04 -24.72
C THR E 73 6.49 16.41 -25.30
N ASP E 74 5.55 16.84 -26.13
CA ASP E 74 5.65 18.12 -26.77
C ASP E 74 5.62 19.24 -25.77
N ILE E 75 4.76 19.13 -24.77
CA ILE E 75 4.69 20.13 -23.72
C ILE E 75 5.99 20.20 -22.98
N GLN E 76 6.53 19.06 -22.64
CA GLN E 76 7.80 19.03 -21.96
C GLN E 76 8.95 19.56 -22.79
N THR E 77 8.99 19.20 -24.05
CA THR E 77 10.04 19.70 -24.92
C THR E 77 9.91 21.18 -25.10
N GLY E 78 8.69 21.67 -25.18
CA GLY E 78 8.47 23.09 -25.31
C GLY E 78 8.95 23.81 -24.10
N MET E 79 8.75 23.24 -22.93
CA MET E 79 9.19 23.86 -21.71
C MET E 79 10.68 23.97 -21.75
N MET E 80 11.35 22.94 -22.21
CA MET E 80 12.80 22.95 -22.31
C MET E 80 13.29 24.01 -23.25
N ALA E 81 12.58 24.18 -24.35
CA ALA E 81 12.95 25.19 -25.32
C ALA E 81 12.83 26.60 -24.77
N ILE E 82 11.78 26.89 -24.04
CA ILE E 82 11.63 28.20 -23.42
C ILE E 82 12.72 28.42 -22.38
N ILE E 83 13.06 27.37 -21.63
CA ILE E 83 14.09 27.49 -20.64
C ILE E 83 15.38 27.84 -21.33
N ARG E 84 15.64 27.21 -22.46
CA ARG E 84 16.87 27.46 -23.17
C ARG E 84 16.95 28.91 -23.57
N ALA E 85 15.85 29.47 -24.03
CA ALA E 85 15.82 30.86 -24.41
C ALA E 85 16.11 31.79 -23.28
N ILE E 86 15.56 31.54 -22.10
CA ILE E 86 15.90 32.35 -20.94
C ILE E 86 17.35 32.16 -20.47
N ALA E 87 17.78 30.91 -20.35
CA ALA E 87 19.11 30.59 -19.84
C ALA E 87 20.23 30.91 -20.75
N GLN E 88 19.95 30.89 -22.05
CA GLN E 88 20.97 31.20 -23.03
C GLN E 88 22.27 30.44 -22.92
N PRO E 89 22.24 29.12 -23.06
CA PRO E 89 23.51 28.42 -23.02
C PRO E 89 24.48 28.83 -24.13
N ASP E 90 25.77 28.80 -23.84
CA ASP E 90 26.76 29.27 -24.78
C ASP E 90 27.35 28.17 -25.59
N SER E 91 26.67 27.05 -25.63
CA SER E 91 27.15 25.91 -26.36
C SER E 91 26.08 25.46 -27.29
N PHE E 92 26.45 24.66 -28.27
CA PHE E 92 25.48 24.09 -29.18
C PHE E 92 24.68 23.07 -28.42
N ASN F 2 24.64 28.85 -5.02
CA ASN F 2 24.44 27.82 -6.04
C ASN F 2 23.10 27.90 -6.75
N GLN F 3 23.14 28.01 -8.07
CA GLN F 3 21.93 28.13 -8.87
C GLN F 3 20.97 26.97 -8.89
N HIS F 4 21.47 25.74 -8.91
CA HIS F 4 20.59 24.60 -9.06
C HIS F 4 19.51 24.36 -8.03
N LYS F 5 19.75 24.66 -6.77
CA LYS F 5 18.70 24.53 -5.77
C LYS F 5 17.51 25.42 -6.08
N LYS F 6 17.77 26.64 -6.54
CA LYS F 6 16.69 27.53 -6.92
C LYS F 6 15.89 26.97 -8.08
N ILE F 7 16.55 26.35 -9.05
CA ILE F 7 15.85 25.75 -10.17
C ILE F 7 15.04 24.55 -9.71
N LYS F 8 13.79 24.47 -10.13
CA LYS F 8 12.94 23.39 -9.70
C LYS F 8 13.29 22.08 -10.37
N GLY F 9 13.38 21.04 -9.57
CA GLY F 9 13.66 19.72 -10.10
C GLY F 9 15.10 19.40 -10.24
N TYR F 10 15.95 20.38 -10.04
CA TYR F 10 17.33 20.09 -10.26
C TYR F 10 17.90 19.43 -9.05
N ARG F 11 18.73 18.44 -9.28
CA ARG F 11 19.25 17.68 -8.19
C ARG F 11 20.73 17.68 -8.31
N ASP F 12 21.41 17.42 -7.21
CA ASP F 12 22.85 17.47 -7.23
C ASP F 12 23.34 16.38 -8.15
N LEU F 13 24.34 16.70 -8.95
CA LEU F 13 24.79 15.71 -9.91
C LEU F 13 26.06 15.03 -9.52
N SER F 14 26.55 14.16 -10.36
CA SER F 14 27.73 13.41 -10.03
C SER F 14 28.69 13.68 -11.12
N GLN F 15 29.98 13.68 -10.79
CA GLN F 15 30.96 14.02 -11.78
C GLN F 15 30.89 13.08 -12.98
N GLU F 16 30.57 11.82 -12.74
CA GLU F 16 30.44 10.92 -13.86
C GLU F 16 29.23 11.31 -14.69
N GLU F 17 28.15 11.74 -14.04
CA GLU F 17 26.99 12.15 -14.80
C GLU F 17 27.35 13.39 -15.59
N ILE F 18 28.07 14.31 -14.97
CA ILE F 18 28.43 15.54 -15.64
C ILE F 18 29.31 15.24 -16.81
N ASP F 19 30.23 14.30 -16.63
CA ASP F 19 31.12 13.94 -17.70
C ASP F 19 30.37 13.37 -18.86
N MET F 20 29.38 12.54 -18.59
CA MET F 20 28.56 12.04 -19.67
C MET F 20 27.78 13.16 -20.35
N MET F 21 27.25 14.10 -19.59
CA MET F 21 26.53 15.19 -20.17
C MET F 21 27.44 16.01 -21.06
N ASN F 22 28.68 16.19 -20.64
CA ASN F 22 29.61 16.97 -21.42
C ASN F 22 30.00 16.22 -22.66
N ARG F 23 29.95 14.91 -22.59
CA ARG F 23 30.28 14.10 -23.75
C ARG F 23 29.28 14.40 -24.85
N VAL F 24 28.03 14.54 -24.47
CA VAL F 24 27.01 14.81 -25.46
C VAL F 24 27.29 16.15 -26.09
N LYS F 25 27.59 17.14 -25.27
CA LYS F 25 27.82 18.46 -25.79
C LYS F 25 28.99 18.53 -26.72
N GLU F 26 30.06 17.84 -26.38
CA GLU F 26 31.23 17.82 -27.24
C GLU F 26 30.94 17.17 -28.57
N LEU F 27 30.16 16.11 -28.56
CA LEU F 27 29.86 15.40 -29.79
C LEU F 27 29.03 16.32 -30.62
N GLY F 28 28.22 17.12 -29.94
CA GLY F 28 27.42 18.10 -30.64
C GLY F 28 28.24 19.15 -31.31
N SER F 29 29.33 19.53 -30.67
CA SER F 29 30.15 20.57 -31.22
C SER F 29 30.70 20.10 -32.54
N GLN F 30 31.06 18.84 -32.64
CA GLN F 30 31.51 18.29 -33.90
C GLN F 30 30.39 18.33 -34.91
N PHE F 31 29.18 18.07 -34.48
CA PHE F 31 28.03 18.16 -35.36
C PHE F 31 27.85 19.58 -35.86
N GLU F 32 28.11 20.55 -35.02
CA GLU F 32 27.99 21.94 -35.42
C GLU F 32 28.96 22.20 -36.55
N LYS F 33 30.15 21.63 -36.47
CA LYS F 33 31.15 21.85 -37.49
C LYS F 33 30.69 21.33 -38.83
N LEU F 34 30.14 20.14 -38.83
CA LEU F 34 29.64 19.60 -40.08
C LEU F 34 28.51 20.43 -40.61
N ILE F 35 27.66 20.94 -39.74
CA ILE F 35 26.54 21.74 -40.17
C ILE F 35 27.05 22.97 -40.87
N GLN F 36 28.06 23.59 -40.31
CA GLN F 36 28.65 24.74 -40.94
C GLN F 36 29.25 24.39 -42.27
N ASP F 37 29.93 23.27 -42.34
CA ASP F 37 30.57 22.83 -43.59
C ASP F 37 29.57 22.51 -44.67
N VAL F 38 28.47 21.89 -44.32
CA VAL F 38 27.44 21.63 -45.28
C VAL F 38 26.88 22.95 -45.79
N SER F 39 26.72 23.91 -44.90
CA SER F 39 26.19 25.21 -45.29
C SER F 39 27.09 25.85 -46.30
N ASP F 40 28.38 25.72 -46.09
CA ASP F 40 29.33 26.31 -46.98
C ASP F 40 29.20 25.69 -48.35
N HIS F 41 29.01 24.38 -48.40
CA HIS F 41 28.88 23.72 -49.67
C HIS F 41 27.71 24.22 -50.37
N LEU F 42 26.60 24.34 -49.66
CA LEU F 42 25.37 24.78 -50.27
C LEU F 42 25.49 26.18 -50.80
N ARG F 43 26.14 27.05 -50.05
CA ARG F 43 26.29 28.44 -50.44
C ARG F 43 27.12 28.51 -51.68
N GLY F 44 28.21 27.77 -51.72
CA GLY F 44 29.08 27.75 -52.86
C GLY F 44 28.41 27.11 -54.04
N GLN F 45 27.66 26.05 -53.83
CA GLN F 45 26.94 25.43 -54.92
C GLN F 45 25.97 26.41 -55.55
N TYR F 46 25.28 27.18 -54.74
CA TYR F 46 24.39 28.18 -55.27
C TYR F 46 25.16 29.18 -56.08
N ASN F 47 26.24 29.69 -55.53
CA ASN F 47 27.00 30.72 -56.19
C ASN F 47 27.57 30.24 -57.49
N ALA F 48 28.03 29.01 -57.50
CA ALA F 48 28.63 28.48 -58.68
C ALA F 48 27.57 28.20 -59.71
N SER F 49 26.40 27.78 -59.27
CA SER F 49 25.38 27.39 -60.21
C SER F 49 24.57 28.54 -60.66
N LEU F 50 24.92 29.72 -60.21
CA LEU F 50 24.22 30.92 -60.64
C LEU F 50 24.06 31.05 -62.13
N HIS F 51 23.00 31.74 -62.55
CA HIS F 51 22.74 31.96 -63.97
C HIS F 51 22.41 30.74 -64.76
N ASN F 52 22.32 29.58 -64.11
CA ASN F 52 21.85 28.39 -64.79
C ASN F 52 20.50 28.34 -64.19
N ARG F 53 19.50 28.68 -64.96
CA ARG F 53 18.18 28.77 -64.42
C ARG F 53 17.74 27.43 -63.90
N ASP F 54 18.09 26.38 -64.62
CA ASP F 54 17.67 25.05 -64.25
C ASP F 54 18.21 24.58 -62.94
N GLU F 55 19.52 24.74 -62.76
CA GLU F 55 20.12 24.35 -61.50
C GLU F 55 19.62 25.17 -60.34
N ILE F 56 19.43 26.45 -60.58
CA ILE F 56 18.94 27.30 -59.54
C ILE F 56 17.57 26.82 -59.14
N THR F 57 16.76 26.46 -60.12
CA THR F 57 15.45 25.96 -59.81
C THR F 57 15.51 24.64 -59.04
N ARG F 58 16.44 23.77 -59.38
CA ARG F 58 16.55 22.55 -58.62
C ARG F 58 16.91 22.83 -57.19
N ILE F 59 17.84 23.72 -56.96
CA ILE F 59 18.26 24.05 -55.62
C ILE F 59 17.11 24.65 -54.85
N ALA F 60 16.39 25.56 -55.46
CA ALA F 60 15.30 26.20 -54.76
C ALA F 60 14.23 25.23 -54.39
N ASN F 61 13.89 24.35 -55.31
CA ASN F 61 12.87 23.36 -55.06
C ASN F 61 13.30 22.39 -53.99
N ALA F 62 14.57 22.01 -54.00
CA ALA F 62 15.09 21.10 -53.01
C ALA F 62 15.06 21.63 -51.61
N GLU F 63 15.14 22.95 -51.46
CA GLU F 63 15.15 23.58 -50.16
C GLU F 63 16.27 23.07 -49.23
N PRO F 64 17.55 22.96 -49.71
CA PRO F 64 18.53 22.42 -48.78
C PRO F 64 18.73 23.18 -47.47
N GLY F 65 18.64 24.50 -47.50
CA GLY F 65 18.82 25.29 -46.31
C GLY F 65 17.80 24.98 -45.25
N ARG F 66 16.57 24.77 -45.65
CA ARG F 66 15.52 24.41 -44.72
C ARG F 66 15.85 23.10 -44.06
N TRP F 67 16.31 22.15 -44.83
CA TRP F 67 16.66 20.87 -44.28
C TRP F 67 17.79 20.87 -43.33
N LEU F 68 18.82 21.65 -43.61
CA LEU F 68 19.91 21.77 -42.66
C LEU F 68 19.43 22.37 -41.38
N ALA F 69 18.55 23.35 -41.48
CA ALA F 69 17.98 23.96 -40.30
C ALA F 69 17.18 22.96 -39.51
N ILE F 70 16.41 22.15 -40.20
CA ILE F 70 15.59 21.16 -39.53
C ILE F 70 16.48 20.17 -38.82
N GLY F 71 17.55 19.77 -39.50
CA GLY F 71 18.47 18.85 -38.90
C GLY F 71 19.16 19.41 -37.69
N LYS F 72 19.54 20.67 -37.75
CA LYS F 72 20.26 21.26 -36.65
C LYS F 72 19.40 21.26 -35.43
N THR F 73 18.14 21.61 -35.61
CA THR F 73 17.25 21.68 -34.50
C THR F 73 17.08 20.31 -33.91
N ASP F 74 16.95 19.32 -34.76
CA ASP F 74 16.76 17.96 -34.32
C ASP F 74 17.94 17.43 -33.54
N ILE F 75 19.15 17.73 -34.00
CA ILE F 75 20.32 17.31 -33.30
C ILE F 75 20.36 17.97 -31.94
N GLN F 76 20.08 19.24 -31.90
CA GLN F 76 20.13 19.95 -30.65
C GLN F 76 19.10 19.46 -29.65
N THR F 77 17.89 19.26 -30.11
CA THR F 77 16.83 18.81 -29.24
C THR F 77 17.14 17.45 -28.73
N GLY F 78 17.70 16.61 -29.59
CA GLY F 78 18.08 15.29 -29.19
C GLY F 78 19.13 15.31 -28.11
N MET F 79 20.10 16.21 -28.24
CA MET F 79 21.15 16.29 -27.26
C MET F 79 20.54 16.64 -25.94
N MET F 80 19.60 17.56 -25.94
CA MET F 80 19.00 17.99 -24.72
C MET F 80 18.27 16.85 -24.03
N ALA F 81 17.61 16.03 -24.79
CA ALA F 81 16.93 14.90 -24.22
C ALA F 81 17.88 13.91 -23.57
N ILE F 82 18.99 13.63 -24.21
CA ILE F 82 19.95 12.72 -23.66
C ILE F 82 20.50 13.27 -22.37
N ILE F 83 20.76 14.56 -22.33
CA ILE F 83 21.25 15.19 -21.12
C ILE F 83 20.22 15.09 -20.01
N ARG F 84 18.95 15.26 -20.33
CA ARG F 84 17.89 15.12 -19.35
C ARG F 84 17.85 13.71 -18.80
N ALA F 85 18.03 12.74 -19.68
CA ALA F 85 18.04 11.38 -19.23
C ALA F 85 19.16 11.13 -18.26
N ILE F 86 20.36 11.64 -18.53
CA ILE F 86 21.43 11.50 -17.57
C ILE F 86 21.16 12.30 -16.30
N ALA F 87 20.70 13.52 -16.44
CA ALA F 87 20.45 14.39 -15.29
C ALA F 87 19.33 13.98 -14.40
N GLN F 88 18.29 13.42 -14.99
CA GLN F 88 17.12 13.03 -14.22
C GLN F 88 16.48 14.12 -13.36
N PRO F 89 15.94 15.17 -14.00
CA PRO F 89 15.26 16.21 -13.25
C PRO F 89 14.07 15.68 -12.51
N ASP F 90 13.76 16.27 -11.38
CA ASP F 90 12.69 15.75 -10.52
C ASP F 90 11.33 16.33 -10.76
N SER F 91 11.17 17.03 -11.86
CA SER F 91 9.90 17.66 -12.16
C SER F 91 9.43 17.41 -13.56
N PHE F 92 8.14 17.62 -13.79
CA PHE F 92 7.61 17.50 -15.13
C PHE F 92 8.33 18.47 -16.04
C1 EDO G . -11.87 -4.10 31.19
O1 EDO G . -13.20 -4.63 31.06
C2 EDO G . -11.23 -4.05 29.82
O2 EDO G . -9.86 -3.74 30.07
C1 EDO H . -17.39 0.85 37.39
O1 EDO H . -17.17 0.22 36.12
C2 EDO H . -18.84 1.30 37.45
O2 EDO H . -19.02 2.17 38.57
C1 EDO I . -4.27 4.28 29.37
O1 EDO I . -5.03 4.76 28.27
C2 EDO I . -2.98 3.69 28.85
O2 EDO I . -2.23 3.19 29.95
P 3AM J . -18.61 -4.99 41.17
O2P 3AM J . -18.92 -6.44 41.31
O3P 3AM J . -17.63 -4.39 42.12
O2' 3AM J . -18.80 -2.65 37.88
C2' 3AM J . -18.79 -3.99 37.44
C3' 3AM J . -19.00 -5.00 38.57
O3' 3AM J . -18.17 -4.65 39.66
C1' 3AM J . -17.41 -4.43 36.99
O4' 3AM J . -17.48 -5.86 36.97
C4' 3AM J . -18.45 -6.29 37.93
C5' 3AM J . -19.46 -7.18 37.24
O5' 3AM J . -20.04 -6.49 36.12
N9 3AM J . -17.06 -3.98 35.63
C8 3AM J . -17.84 -4.06 34.51
N7 3AM J . -17.26 -3.58 33.44
C5 3AM J . -16.02 -3.16 33.89
C6 3AM J . -14.93 -2.55 33.23
N6 3AM J . -14.92 -2.26 31.93
C4 3AM J . -15.89 -3.39 35.24
N3 3AM J . -14.81 -3.10 36.00
C2 3AM J . -13.86 -2.54 35.28
N1 3AM J . -13.84 -2.24 33.98
P 3AM K . -21.18 -7.23 35.27
O2P 3AM K . -21.77 -8.30 36.13
O3P 3AM K . -20.65 -7.60 33.93
O2' 3AM K . -22.00 -3.27 35.26
C2' 3AM K . -23.04 -3.91 35.97
C3' 3AM K . -22.78 -5.38 36.30
O3' 3AM K . -22.23 -6.01 35.14
C1' 3AM K . -24.30 -4.08 35.13
O4' 3AM K . -25.08 -4.99 35.88
C4' 3AM K . -24.18 -5.93 36.52
C5' 3AM K . -24.60 -6.06 37.97
O5' 3AM K . -24.22 -4.86 38.67
N9 3AM K . -25.06 -2.85 34.95
C8 3AM K . -25.61 -2.04 35.91
N7 3AM K . -26.25 -1.01 35.42
C5 3AM K . -26.11 -1.14 34.04
C6 3AM K . -26.57 -0.35 32.97
N6 3AM K . -27.28 0.76 33.11
C4 3AM K . -25.37 -2.27 33.74
N3 3AM K . -25.05 -2.70 32.51
C2 3AM K . -25.54 -1.88 31.57
N1 3AM K . -26.25 -0.76 31.72
P 3AM L . -25.13 -4.32 39.87
O2P 3AM L . -25.37 -5.44 40.83
O3P 3AM L . -26.31 -3.62 39.30
O2' 3AM L . -22.52 -1.60 38.89
C2' 3AM L . -21.97 -2.24 40.02
C3' 3AM L . -22.70 -3.52 40.44
O3' 3AM L . -24.09 -3.26 40.45
C1' 3AM L . -22.13 -1.42 41.29
O4' 3AM L . -21.93 -2.35 42.35
C4' 3AM L . -22.23 -3.69 41.89
C5' 3AM L . -21.02 -4.56 42.08
O5' 3AM L . -19.96 -4.16 41.19
N9 3AM L . -21.16 -0.35 41.45
C8 3AM L . -19.82 -0.41 41.18
N7 3AM L . -19.18 0.71 41.43
C5 3AM L . -20.17 1.56 41.89
C6 3AM L . -20.13 2.89 42.33
N6 3AM L . -19.02 3.63 42.36
C4 3AM L . -21.39 0.92 41.91
N3 3AM L . -22.57 1.45 42.30
C2 3AM L . -22.41 2.72 42.69
N1 3AM L . -21.29 3.45 42.72
P 3GP M . -23.71 -7.96 59.06
O2P 3GP M . -24.30 -7.80 60.42
O3P 3GP M . -24.65 -8.02 57.89
O5' 3GP M . -18.93 -9.14 59.26
C5' 3GP M . -19.77 -10.13 58.63
C4' 3GP M . -20.82 -10.58 59.62
O4' 3GP M . -20.22 -10.94 60.86
C3' 3GP M . -21.84 -9.53 60.02
O3' 3GP M . -22.76 -9.26 58.98
C2' 3GP M . -22.46 -10.20 61.24
O2' 3GP M . -23.36 -11.23 60.81
C1' 3GP M . -21.21 -10.82 61.89
N9 3GP M . -20.70 -10.01 63.00
C8 3GP M . -19.88 -8.90 62.94
N7 3GP M . -19.64 -8.39 64.13
C5 3GP M . -20.33 -9.19 65.02
C6 3GP M . -20.44 -9.13 66.43
O6 3GP M . -19.93 -8.32 67.21
N1 3GP M . -21.25 -10.15 66.91
C2 3GP M . -21.88 -11.11 66.15
N2 3GP M . -22.63 -12.01 66.78
N3 3GP M . -21.78 -11.16 64.82
C4 3GP M . -21.00 -10.19 64.33
P 3AM N . -17.96 -8.25 58.36
O2P 3AM N . -17.11 -7.49 59.31
O3P 3AM N . -17.28 -9.07 57.31
O2' 3AM N . -18.22 -4.72 57.23
C2' 3AM N . -18.82 -4.99 58.48
C3' 3AM N . -19.67 -6.26 58.38
O3' 3AM N . -19.03 -7.30 57.64
C1' 3AM N . -19.92 -3.95 58.78
O4' 3AM N . -21.16 -4.50 58.35
C4' 3AM N . -20.86 -5.71 57.62
C5' 3AM N . -22.08 -6.60 57.53
O5' 3AM N . -22.63 -6.80 58.85
N9 3AM N . -19.97 -3.65 60.20
C8 3AM N . -20.65 -4.36 61.16
N7 3AM N . -20.51 -3.87 62.37
C5 3AM N . -19.67 -2.78 62.20
C6 3AM N . -19.14 -1.85 63.11
N6 3AM N . -19.38 -1.87 64.42
C4 3AM N . -19.33 -2.64 60.86
N3 3AM N . -18.54 -1.69 60.35
C2 3AM N . -18.09 -0.86 61.30
N1 3AM N . -18.33 -0.87 62.61
C1 EDO O . -7.64 15.19 32.81
O1 EDO O . -8.62 16.14 33.23
C2 EDO O . -6.88 14.69 34.02
O2 EDO O . -5.78 13.93 33.51
C1 EDO P . -15.51 13.11 27.50
O1 EDO P . -14.83 13.77 28.57
C2 EDO P . -16.97 13.53 27.53
O2 EDO P . -17.68 12.84 26.49
P 3AM Q . -20.37 21.02 25.84
O2P 3AM Q . -20.16 21.96 24.69
O3P 3AM Q . -21.71 21.03 26.52
O2' 3AM Q . -19.02 17.28 26.64
C2' 3AM Q . -18.43 17.70 25.44
C3' 3AM Q . -18.61 19.20 25.17
O3' 3AM Q . -19.97 19.53 25.44
C1' 3AM Q . -19.13 17.14 24.21
O4' 3AM Q . -18.71 17.98 23.14
C4' 3AM Q . -18.37 19.28 23.66
C5' 3AM Q . -16.97 19.64 23.23
O5' 3AM Q . -16.02 18.73 23.83
N9 3AM Q . -18.73 15.77 23.87
C8 3AM Q . -17.48 15.23 23.95
N7 3AM Q . -17.42 13.98 23.58
C5 3AM Q . -18.73 13.67 23.22
C6 3AM Q . -19.31 12.49 22.74
N6 3AM Q . -18.64 11.36 22.52
C4 3AM Q . -19.54 14.77 23.40
N3 3AM Q . -20.86 14.82 23.15
C2 3AM Q . -21.32 13.65 22.70
N1 3AM Q . -20.65 12.52 22.48
P 3AM R . -14.46 18.97 23.60
O2P 3AM R . -13.94 18.10 22.51
O3P 3AM R . -14.18 20.44 23.55
O2' 3AM R . -14.95 16.66 26.85
C2' 3AM R . -14.46 17.89 27.32
C3' 3AM R . -14.40 18.97 26.23
O3' 3AM R . -13.94 18.40 25.02
C1' 3AM R . -12.99 17.85 27.71
O4' 3AM R . -12.64 19.23 27.81
C4' 3AM R . -13.31 19.93 26.74
C5' 3AM R . -13.82 21.25 27.27
O5' 3AM R . -14.91 20.99 28.17
N9 3AM R . -12.69 17.22 28.99
C8 3AM R . -13.17 17.56 30.24
N7 3AM R . -12.70 16.80 31.21
C5 3AM R . -11.87 15.90 30.55
C6 3AM R . -11.08 14.84 31.02
N6 3AM R . -10.99 14.49 32.31
C4 3AM R . -11.85 16.15 29.19
N3 3AM R . -11.16 15.47 28.27
C2 3AM R . -10.45 14.49 28.83
N1 3AM R . -10.36 14.14 30.12
P 3AM S . -14.98 21.80 29.55
O2P 3AM S . -13.95 21.27 30.47
O3P 3AM S . -14.99 23.26 29.23
O2' 3AM S . -17.29 18.70 29.84
C2' 3AM S . -18.15 19.71 29.36
C3' 3AM S . -17.42 21.01 28.99
O3' 3AM S . -16.45 21.29 29.97
C1' 3AM S . -19.10 20.25 30.43
O4' 3AM S . -19.57 21.48 29.89
C4' 3AM S . -18.54 22.05 29.05
C5' 3AM S . -19.13 22.40 27.72
O5' 3AM S . -19.23 21.21 26.92
N9 3AM S . -20.25 19.41 30.72
C8 3AM S . -21.05 18.73 29.83
N7 3AM S . -22.02 18.06 30.39
C5 3AM S . -21.85 18.30 31.75
C6 3AM S . -22.57 17.86 32.89
N6 3AM S . -23.63 17.07 32.82
C4 3AM S . -20.76 19.12 31.96
N3 3AM S . -20.32 19.56 33.16
C2 3AM S . -21.06 19.09 34.15
N1 3AM S . -22.13 18.29 34.10
P 3GP T . -20.34 24.48 6.70
O2P 3GP T . -21.00 24.93 7.95
O3P 3GP T . -21.09 24.60 5.42
O5' 3GP T . -15.40 23.49 5.72
C5' 3GP T . -15.74 24.66 6.49
C4' 3GP T . -16.67 25.54 5.68
O4' 3GP T . -16.16 25.67 4.34
C3' 3GP T . -18.08 25.00 5.46
O3' 3GP T . -18.88 25.17 6.61
C2' 3GP T . -18.55 25.93 4.34
O2' 3GP T . -18.94 27.16 4.94
C1' 3GP T . -17.26 26.08 3.52
N9 3GP T . -17.30 25.26 2.31
C8 3GP T . -17.04 23.90 2.21
N7 3GP T . -17.18 23.46 0.97
C5 3GP T . -17.55 24.56 0.24
C6 3GP T . -17.84 24.70 -1.15
O6 3GP T . -17.82 23.82 -2.04
N1 3GP T . -18.19 26.01 -1.47
C2 3GP T . -18.24 27.06 -0.59
N2 3GP T . -18.58 28.25 -1.09
N3 3GP T . -17.96 26.94 0.71
C4 3GP T . -17.63 25.68 1.04
P 3AM U . -14.74 22.27 6.52
O2P 3AM U . -13.62 22.73 7.38
O3P 3AM U . -14.48 21.19 5.53
O2' 3AM U . -16.29 19.39 7.93
C2' 3AM U . -16.97 19.82 6.76
C3' 3AM U . -17.18 21.33 6.88
O3' 3AM U . -16.02 21.95 7.43
C1' 3AM U . -18.41 19.33 6.77
O4' 3AM U . -19.24 20.38 7.27
C4' 3AM U . -18.34 21.35 7.85
C5' 3AM U . -19.05 22.67 8.04
O5' 3AM U . -19.79 22.99 6.84
N9 3AM U . -18.82 19.00 5.41
C8 3AM U . -19.36 19.82 4.45
N7 3AM U . -19.61 19.20 3.32
C5 3AM U . -19.19 17.90 3.54
C6 3AM U . -19.17 16.76 2.72
N6 3AM U . -19.62 16.74 1.46
C4 3AM U . -18.70 17.76 4.82
N3 3AM U . -18.20 16.64 5.37
C2 3AM U . -18.25 15.63 4.51
N1 3AM U . -18.68 15.61 3.25
C1 EDO V . 14.28 -15.16 -18.37
O1 EDO V . 13.25 -16.09 -18.68
C2 EDO V . 15.24 -15.13 -19.54
O2 EDO V . 16.30 -14.25 -19.18
C1 EDO W . 5.34 -12.16 -17.16
O1 EDO W . 6.33 -12.64 -18.09
C2 EDO W . 4.02 -12.05 -17.93
O2 EDO W . 3.01 -11.39 -17.17
P 3AM X . 4.55 -20.65 -18.96
O2P 3AM X . 4.03 -22.04 -18.78
O3P 3AM X . 5.96 -20.48 -19.42
O2' 3AM X . 3.06 -17.06 -20.08
C2' 3AM X . 1.97 -17.96 -19.95
C3' 3AM X . 2.34 -19.31 -19.32
O3' 3AM X . 3.57 -19.78 -19.85
C1' 3AM X . 1.42 -18.43 -21.29
O4' 3AM X . 0.60 -19.54 -20.93
C4' 3AM X . 1.21 -20.22 -19.81
C5' 3AM X . 0.13 -20.46 -18.78
O5' 3AM X . -0.08 -19.23 -18.07
N9 3AM X . 0.60 -17.45 -21.98
C8 3AM X . -0.49 -16.77 -21.49
N7 3AM X . -1.04 -15.96 -22.36
C5 3AM X . -0.27 -16.11 -23.50
C6 3AM X . -0.34 -15.53 -24.78
N6 3AM X . -1.26 -14.62 -25.12
C4 3AM X . 0.74 -17.04 -23.28
N3 3AM X . 1.67 -17.42 -24.17
C2 3AM X . 1.51 -16.80 -25.34
N1 3AM X . 0.59 -15.90 -25.69
P 3AM Y . -1.55 -18.78 -17.63
O2P 3AM Y . -2.37 -18.61 -18.88
O3P 3AM Y . -2.05 -19.68 -16.56
O2' 3AM Y . 0.75 -15.33 -17.69
C2' 3AM Y . 0.65 -15.83 -16.37
C3' 3AM Y . 0.10 -17.25 -16.28
O3' 3AM Y . -1.07 -17.36 -17.07
C1' 3AM Y . -0.40 -15.11 -15.53
O4' 3AM Y . -0.64 -15.98 -14.44
C4' 3AM Y . -0.33 -17.34 -14.82
C5' 3AM Y . 0.70 -17.90 -13.86
O5' 3AM Y . 1.92 -17.13 -13.95
N9 3AM Y . 0.07 -13.83 -15.00
C8 3AM Y . 1.33 -13.55 -14.51
N7 3AM Y . 1.46 -12.32 -14.08
C5 3AM Y . 0.21 -11.76 -14.28
C6 3AM Y . -0.29 -10.47 -14.02
N6 3AM Y . 0.44 -9.49 -13.49
C4 3AM Y . -0.66 -12.67 -14.84
N3 3AM Y . -1.95 -12.47 -15.16
C2 3AM Y . -2.31 -11.21 -14.88
N1 3AM Y . -1.59 -10.23 -14.34
P 3AM Z . 3.24 -17.66 -13.21
O2P 3AM Z . 3.16 -19.13 -13.08
O3P 3AM Z . 3.48 -16.85 -11.98
O2' 3AM Z . 4.28 -15.65 -16.63
C2' 3AM Z . 4.80 -16.96 -16.69
C3' 3AM Z . 4.27 -17.91 -15.62
O3' 3AM Z . 4.29 -17.25 -14.36
C1' 3AM Z . 6.28 -17.02 -16.35
O4' 3AM Z . 6.52 -18.42 -16.15
C4' 3AM Z . 5.33 -19.01 -15.58
C5' 3AM Z . 4.99 -20.23 -16.40
O5' 3AM Z . 4.34 -19.82 -17.61
N9 3AM Z . 7.19 -16.55 -17.39
C8 3AM Z . 7.19 -16.89 -18.72
N7 3AM Z . 8.14 -16.29 -19.41
C5 3AM Z . 8.81 -15.53 -18.47
C6 3AM Z . 9.93 -14.67 -18.57
N6 3AM Z . 10.57 -14.43 -19.70
C4 3AM Z . 8.24 -15.68 -17.21
N3 3AM Z . 8.63 -15.08 -16.08
C2 3AM Z . 9.68 -14.30 -16.29
N1 3AM Z . 10.34 -14.06 -17.42
P 3GP AA . -9.80 -21.52 -0.04
O2P 3GP AA . -9.96 -21.87 -1.48
O3P 3GP AA . -11.03 -21.52 0.82
O5' 3GP AA . -5.58 -21.36 2.72
C5' 3GP AA . -5.79 -22.53 1.90
C4' 3GP AA . -7.10 -23.19 2.28
O4' 3GP AA . -7.18 -23.39 3.70
C3' 3GP AA . -8.37 -22.41 1.98
O3' 3GP AA . -8.66 -22.45 0.59
C2' 3GP AA . -9.38 -23.21 2.78
O2' 3GP AA . -9.63 -24.40 2.05
C1' 3GP AA . -8.56 -23.55 4.03
N9 3GP AA . -8.85 -22.68 5.17
C8 3GP AA . -8.28 -21.45 5.46
N7 3GP AA . -8.78 -20.91 6.57
C5 3GP AA . -9.70 -21.82 7.02
C6 3GP AA . -10.56 -21.80 8.16
O6 3GP AA . -10.65 -20.91 9.03
N1 3GP AA . -11.35 -22.94 8.23
C2 3GP AA . -11.32 -23.97 7.32
N2 3GP AA . -12.16 -25.00 7.55
N3 3GP AA . -10.54 -24.01 6.25
C4 3GP AA . -9.77 -22.91 6.17
C1 EDO BA . -8.55 -46.10 -13.37
O1 EDO BA . -7.13 -46.22 -13.49
C2 EDO BA . -9.20 -47.43 -13.75
O2 EDO BA . -10.60 -47.21 -13.83
C1 EDO CA . -5.98 -43.81 -4.59
O1 EDO CA . -5.59 -44.42 -5.83
C2 EDO CA . -4.73 -43.64 -3.74
O2 EDO CA . -5.06 -43.02 -2.49
P 3AM DA . 1.30 -37.30 -5.09
O2P 3AM DA . 0.94 -36.00 -5.71
O3P 3AM DA . 2.56 -37.39 -4.29
O2' 3AM DA . -1.25 -40.31 -4.16
C2' 3AM DA . -1.99 -39.12 -4.22
C3' 3AM DA . -1.22 -37.94 -4.81
O3' 3AM DA . 0.07 -37.87 -4.24
C1' 3AM DA . -2.32 -38.55 -2.84
O4' 3AM DA . -2.63 -37.19 -3.07
C4' 3AM DA . -2.02 -36.74 -4.30
C5' 3AM DA . -3.09 -36.20 -5.21
O5' 3AM DA . -3.95 -37.28 -5.65
N9 3AM DA . -3.48 -39.17 -2.21
C8 3AM DA . -4.64 -39.56 -2.82
N7 3AM DA . -5.52 -40.07 -2.01
C5 3AM DA . -4.90 -40.01 -0.76
C6 3AM DA . -5.33 -40.40 0.51
N6 3AM DA . -6.52 -40.95 0.76
C4 3AM DA . -3.64 -39.45 -0.87
N3 3AM DA . -2.77 -39.25 0.13
C2 3AM DA . -3.28 -39.65 1.30
N1 3AM DA . -4.47 -40.21 1.55
P 3AM EA . -5.20 -36.96 -6.59
O2P 3AM EA . -6.42 -36.74 -5.76
O3P 3AM EA . -4.83 -35.92 -7.59
O2' 3AM EA . -4.33 -40.89 -6.56
C2' 3AM EA . -4.09 -40.42 -7.87
C3' 3AM EA . -4.11 -38.89 -7.99
O3' 3AM EA . -5.26 -38.39 -7.32
C1' 3AM EA . -5.23 -40.75 -8.83
O4' 3AM EA . -5.01 -39.89 -9.95
C4' 3AM EA . -4.32 -38.70 -9.49
C5' 3AM EA . -3.06 -38.50 -10.31
O5' 3AM EA . -2.39 -39.78 -10.46
N9 3AM EA . -5.23 -42.13 -9.30
C8 3AM EA . -4.14 -42.85 -9.74
N7 3AM EA . -4.44 -44.07 -10.12
C5 3AM EA . -5.82 -44.15 -9.93
C6 3AM EA . -6.73 -45.20 -10.15
N6 3AM EA . -6.39 -46.39 -10.62
C4 3AM EA . -6.31 -42.96 -9.43
N3 3AM EA . -7.60 -42.70 -9.12
C2 3AM EA . -8.37 -43.75 -9.37
N1 3AM EA . -8.03 -44.96 -9.85
P 3AM FA . -0.87 -39.75 -10.97
O2P 3AM FA . -0.38 -38.35 -11.01
O3P 3AM FA . -0.77 -40.58 -12.20
O2' 3AM FA . -0.99 -41.95 -7.48
C2' 3AM FA . 0.03 -40.98 -7.39
C3' 3AM FA . -0.04 -39.90 -8.47
O3' 3AM FA . -0.21 -40.53 -9.73
C1' 3AM FA . 1.41 -41.55 -7.70
O4' 3AM FA . 2.21 -40.41 -7.98
C4' 3AM FA . 1.38 -39.33 -8.45
C5' 3AM FA . 1.60 -38.13 -7.56
O5' 3AM FA . 1.27 -38.46 -6.20
N9 3AM FA . 2.02 -42.26 -6.58
C8 3AM FA . 1.94 -41.92 -5.25
N7 3AM FA . 2.59 -42.73 -4.47
C5 3AM FA . 3.14 -43.66 -5.32
C6 3AM FA . 3.96 -44.79 -5.10
N6 3AM FA . 4.36 -45.18 -3.89
C4 3AM FA . 2.80 -43.39 -6.63
N3 3AM FA . 3.17 -44.09 -7.72
C2 3AM FA . 3.93 -45.13 -7.39
N1 3AM FA . 4.34 -45.53 -6.18
P 3AM GA . -4.49 -20.31 2.21
O2P 3AM GA . -3.26 -21.04 1.80
O3P 3AM GA . -4.36 -19.23 3.23
O2' 3AM GA . -4.81 -17.13 0.42
C2' 3AM GA . -5.93 -17.43 1.22
C3' 3AM GA . -6.35 -18.89 1.02
O3' 3AM GA . -5.24 -19.77 0.89
C1' 3AM GA . -7.18 -16.69 0.76
O4' 3AM GA . -7.96 -17.60 -0.04
C4' 3AM GA . -7.11 -18.73 -0.30
C5' 3AM GA . -7.93 -19.91 -0.76
O5' 3AM GA . -9.03 -20.13 0.14
N9 3AM GA . -7.94 -16.30 1.94
C8 3AM GA . -8.79 -17.07 2.69
N7 3AM GA . -9.30 -16.44 3.72
C5 3AM GA . -8.75 -15.18 3.65
C6 3AM GA . -8.89 -14.04 4.46
N6 3AM GA . -9.68 -13.99 5.54
C4 3AM GA . -7.90 -15.07 2.56
N3 3AM GA . -7.19 -13.99 2.20
C2 3AM GA . -7.42 -12.98 3.03
N1 3AM GA . -8.20 -12.92 4.12
C1 EDO HA . -4.70 3.83 -26.75
O1 EDO HA . -4.25 3.09 -27.88
C2 EDO HA . -6.09 3.34 -26.38
O2 EDO HA . -6.64 4.22 -25.38
C1 EDO IA . 4.76 2.58 -23.67
O1 EDO IA . 3.66 2.45 -24.57
C2 EDO IA . 5.97 1.93 -24.32
O2 EDO IA . 7.07 1.97 -23.41
P 3AM JA . 10.66 6.47 -30.13
O2P 3AM JA . 11.05 7.89 -29.90
O3P 3AM JA . 11.67 5.56 -30.75
O2' 3AM JA . 8.45 4.08 -27.33
C2' 3AM JA . 8.58 5.42 -26.92
C3' 3AM JA . 9.06 6.37 -28.03
O3' 3AM JA . 10.11 5.78 -28.78
C1' 3AM JA . 9.70 5.61 -25.89
O4' 3AM JA . 10.02 7.00 -25.95
C4' 3AM JA . 9.61 7.54 -27.22
C5' 3AM JA . 8.65 8.68 -26.98
O5' 3AM JA . 7.71 8.31 -25.95
N9 3AM JA . 9.25 5.31 -24.53
C8 3AM JA . 8.03 5.63 -23.99
N7 3AM JA . 7.88 5.25 -22.75
C5 3AM JA . 9.08 4.62 -22.45
C6 3AM JA . 9.55 3.99 -21.28
N6 3AM JA . 8.83 3.89 -20.16
C4 3AM JA . 9.94 4.65 -23.54
N3 3AM JA . 11.18 4.14 -23.59
C2 3AM JA . 11.51 3.58 -22.43
N1 3AM JA . 10.79 3.47 -21.31
P 3AM KA . 6.35 9.16 -25.84
O2P 3AM KA . 6.34 10.12 -26.97
O3P 3AM KA . 6.22 9.68 -24.45
O2' 3AM KA . 5.09 5.21 -26.26
C2' 3AM KA . 4.51 6.00 -27.27
C3' 3AM KA . 5.13 7.40 -27.38
O3' 3AM KA . 5.30 7.96 -26.08
C1' 3AM KA . 3.06 6.38 -26.98
O4' 3AM KA . 2.80 7.48 -27.84
C4' 3AM KA . 4.03 8.20 -28.09
C5' 3AM KA . 4.20 8.34 -29.57
O5' 3AM KA . 4.72 7.10 -30.10
N9 3AM KA . 2.11 5.31 -27.31
C8 3AM KA . 2.07 4.57 -28.46
N7 3AM KA . 1.10 3.69 -28.49
C5 3AM KA . 0.46 3.86 -27.27
C6 3AM KA . -0.66 3.23 -26.69
N6 3AM KA . -1.34 2.25 -27.30
C4 3AM KA . 1.07 4.86 -26.54
N3 3AM KA . 0.70 5.29 -25.32
C2 3AM KA . -0.35 4.62 -24.87
N1 3AM KA . -1.05 3.64 -25.46
P 3AM LA . 4.53 6.73 -31.65
O2P 3AM LA . 5.27 7.71 -32.48
O3P 3AM LA . 3.08 6.52 -31.93
O2' 3AM LA . 5.77 3.49 -29.53
C2' 3AM LA . 6.83 3.90 -30.37
C3' 3AM LA . 6.62 5.25 -31.03
O3' 3AM LA . 5.31 5.33 -31.60
C1' 3AM LA . 6.99 3.00 -31.60
O4' 3AM LA . 7.38 3.84 -32.67
C4' 3AM LA . 7.64 5.15 -32.15
C5' 3AM LA . 9.06 5.19 -31.64
O5' 3AM LA . 9.35 6.46 -31.03
N9 3AM LA . 8.00 1.95 -31.43
C8 3AM LA . 9.16 2.02 -30.73
N7 3AM LA . 9.87 0.92 -30.77
C5 3AM LA . 9.12 0.06 -31.55
C6 3AM LA . 9.33 -1.26 -31.97
N6 3AM LA . 10.40 -1.98 -31.63
C4 3AM LA . 7.95 0.69 -31.97
N3 3AM LA . 7.00 0.14 -32.75
C2 3AM LA . 7.31 -1.10 -33.08
N1 3AM LA . 8.38 -1.83 -32.75
P 3GP MA . 20.51 20.88 -21.68
O2P 3GP MA . 20.50 20.03 -22.90
O3P 3GP MA . 21.83 21.45 -21.26
O5' 3GP MA . 16.57 23.13 -19.36
C5' 3GP MA . 16.67 23.20 -20.80
C4' 3GP MA . 17.97 23.88 -21.17
O4' 3GP MA . 18.17 25.04 -20.37
C3' 3GP MA . 19.24 23.07 -20.92
O3' 3GP MA . 19.40 22.02 -21.87
C2' 3GP MA . 20.29 24.17 -21.05
O2' 3GP MA . 20.55 24.40 -22.43
C1' 3GP MA . 19.56 25.35 -20.41
N9 3GP MA . 20.02 25.72 -19.06
C8 3GP MA . 19.49 25.29 -17.85
N7 3GP MA . 20.13 25.80 -16.80
C5 3GP MA . 21.11 26.60 -17.35
C6 3GP MA . 22.10 27.40 -16.71
O6 3GP MA . 22.31 27.56 -15.50
N1 3GP MA . 22.90 28.04 -17.65
C2 3GP MA . 22.76 27.95 -19.02
N2 3GP MA . 23.62 28.66 -19.75
N3 3GP MA . 21.84 27.20 -19.61
C4 3GP MA . 21.07 26.57 -18.73
C1 EDO NA . 17.73 26.86 -49.58
O1 EDO NA . 16.32 26.90 -49.82
C2 EDO NA . 18.46 27.01 -50.91
O2 EDO NA . 19.88 27.03 -50.69
C1 EDO OA . 15.12 31.97 -41.05
O1 EDO OA . 14.76 31.38 -42.31
C2 EDO OA . 13.89 32.63 -40.46
O2 EDO OA . 14.27 33.41 -39.32
P 3AM PA . 9.25 24.81 -41.32
O2P 3AM PA . 8.29 24.09 -40.45
O3P 3AM PA . 9.38 24.37 -42.74
O2' 3AM PA . 9.94 29.00 -41.38
C2' 3AM PA . 8.95 28.63 -40.45
C3' 3AM PA . 8.93 27.15 -40.10
O3' 3AM PA . 8.99 26.40 -41.31
C1' 3AM PA . 7.53 28.78 -41.01
O4' 3AM PA . 6.73 27.78 -40.40
C4' 3AM PA . 7.55 27.04 -39.47
C5' 3AM PA . 7.47 27.75 -38.14
O5' 3AM PA . 8.24 27.04 -37.15
N9 3AM PA . 6.90 30.09 -40.76
C8 3AM PA . 7.01 30.87 -39.65
N7 3AM PA . 6.32 31.99 -39.73
C5 3AM PA . 5.73 31.93 -40.98
C6 3AM PA . 4.87 32.82 -41.66
N6 3AM PA . 4.45 33.98 -41.16
C4 3AM PA . 6.08 30.77 -41.63
N3 3AM PA . 5.68 30.39 -42.86
C2 3AM PA . 4.88 31.29 -43.41
N1 3AM PA . 4.46 32.46 -42.90
P 3AM QA . 8.43 27.78 -35.75
O2P 3AM QA . 7.17 28.52 -35.43
O3P 3AM QA . 8.95 26.80 -34.75
O2' 3AM QA . 10.71 30.47 -38.06
C2' 3AM QA . 11.53 29.67 -37.24
C3' 3AM QA . 10.83 28.42 -36.69
O3' 3AM QA . 9.59 28.83 -36.13
C1' 3AM QA . 11.90 30.37 -35.93
O4' 3AM QA . 12.00 29.35 -34.93
C4' 3AM QA . 11.80 28.08 -35.56
C5' 3AM QA . 13.14 27.61 -36.08
O5' 3AM QA . 13.00 26.30 -36.69
N9 3AM QA . 13.16 31.11 -35.97
C8 3AM QA . 14.30 30.79 -36.64
N7 3AM QA . 15.27 31.66 -36.48
C5 3AM QA . 14.72 32.63 -35.64
C6 3AM QA . 15.24 33.82 -35.11
N6 3AM QA . 16.47 34.25 -35.33
C4 3AM QA . 13.41 32.30 -35.33
N3 3AM QA . 12.58 33.02 -34.54
C2 3AM QA . 13.18 34.11 -34.09
N1 3AM QA . 14.43 34.55 -34.31
P 3AM RA . 14.29 25.78 -37.49
O2P 3AM RA . 15.52 26.25 -36.77
O3P 3AM RA . 14.14 24.31 -37.72
O2' 3AM RA . 13.32 28.90 -40.16
C2' 3AM RA . 13.04 27.63 -40.70
C3' 3AM RA . 12.96 26.51 -39.66
O3' 3AM RA . 14.14 26.59 -38.86
C1' 3AM RA . 14.18 27.10 -41.57
O4' 3AM RA . 14.14 25.67 -41.46
C4' 3AM RA . 13.04 25.32 -40.60
C5' 3AM RA . 11.81 25.17 -41.45
O5' 3AM RA . 10.70 24.75 -40.64
N9 3AM RA . 14.11 27.46 -42.99
C8 3AM RA . 13.02 27.51 -43.81
N7 3AM RA . 13.28 27.87 -45.04
C5 3AM RA . 14.67 28.08 -45.02
C6 3AM RA . 15.57 28.47 -46.03
N6 3AM RA . 15.21 28.75 -47.28
C4 3AM RA . 15.18 27.82 -43.77
N3 3AM RA . 16.47 27.92 -43.41
C2 3AM RA . 17.23 28.31 -44.43
N1 3AM RA . 16.88 28.58 -45.69
P 3AM SA . 15.46 22.17 -18.74
O2P 3AM SA . 14.14 22.34 -19.43
O3P 3AM SA . 15.49 22.31 -17.26
O2' 3AM SA . 15.77 19.08 -17.48
C2' 3AM SA . 17.04 19.69 -17.30
C3' 3AM SA . 17.35 20.35 -18.64
O3' 3AM SA . 16.15 20.80 -19.23
C1' 3AM SA . 18.17 18.66 -17.18
O4' 3AM SA . 18.79 18.53 -18.46
C4' 3AM SA . 17.89 19.15 -19.41
C5' 3AM SA . 18.60 19.42 -20.71
O5' 3AM SA . 19.86 20.10 -20.46
N9 3AM SA . 19.17 19.12 -16.22
C8 3AM SA . 20.22 19.97 -16.47
N7 3AM SA . 20.95 20.21 -15.41
C5 3AM SA . 20.35 19.48 -14.40
C6 3AM SA . 20.65 19.32 -13.03
N6 3AM SA . 21.68 19.92 -12.43
C4 3AM SA . 19.25 18.81 -14.89
N3 3AM SA . 18.43 18.00 -14.18
C2 3AM SA . 18.81 17.92 -12.92
N1 3AM SA . 19.85 18.52 -12.30
#